data_5BOF
#
_entry.id   5BOF
#
_cell.length_a   164.686
_cell.length_b   164.686
_cell.length_c   77.335
_cell.angle_alpha   90.00
_cell.angle_beta   90.00
_cell.angle_gamma   90.00
#
_symmetry.space_group_name_H-M   'P 4 21 2'
#
loop_
_entity.id
_entity.type
_entity.pdbx_description
1 polymer Enolase
2 non-polymer 'MAGNESIUM ION'
3 non-polymer 'SULFATE ION'
4 water water
#
_entity_poly.entity_id   1
_entity_poly.type   'polypeptide(L)'
_entity_poly.pdbx_seq_one_letter_code
;MPIITDVYAREVLDSRGNPTVEVEVLTESGAFGRALVPSGASTGEHEAVELRDGDKSRYLGKGVTKAVENVNEIIAPEII
EGEFSVLDQVSIDKMMIALDGTPNKGKLGANAILGVSIAVARAAADLLGQPLYKYLGGFNGKQLPVPMMNIVNGGSHSDA
PIAFQEFMILPVGATTFKESLRWGTEIFHNLKSILSKRGLETAVGDEGGFAPKFEGTEDAVETIIQAIEAAGYKPGEEVF
LGFDCASSEFYENGVYDYSKFEGEHGAKRTAAEQVDYLEQLVDKYPIITIEDGMDENDWDGWKQLTERIGDRVQLVGDDL
FVTNTEILAKGIENGIGNSILIKVNQIGTLTETFDAIEMAQKAGYTAVVSHRSGETEDTTIADIAVATNAGQIKTGSLSR
TDRIAKYNQLLRIEDELFETAKYDGIKSFYNLDKLEHHHHHH
;
_entity_poly.pdbx_strand_id   A,B
#
loop_
_chem_comp.id
_chem_comp.type
_chem_comp.name
_chem_comp.formula
MG non-polymer 'MAGNESIUM ION' 'Mg 2'
SO4 non-polymer 'SULFATE ION' 'O4 S -2'
#
# COMPACT_ATOMS: atom_id res chain seq x y z
N MET A 1 17.42 -14.06 28.20
CA MET A 1 16.27 -13.58 27.39
C MET A 1 16.63 -12.50 26.35
N PRO A 2 17.21 -11.35 26.77
CA PRO A 2 17.35 -10.20 25.86
C PRO A 2 18.56 -10.18 24.90
N ILE A 3 19.48 -11.13 24.98
CA ILE A 3 20.66 -11.06 24.12
C ILE A 3 20.27 -11.36 22.67
N ILE A 4 20.78 -10.56 21.74
CA ILE A 4 20.48 -10.75 20.32
C ILE A 4 21.20 -11.95 19.75
N THR A 5 20.45 -12.90 19.19
CA THR A 5 21.05 -14.13 18.65
C THR A 5 21.03 -14.24 17.13
N ASP A 6 20.18 -13.46 16.47
CA ASP A 6 20.12 -13.49 15.02
C ASP A 6 19.73 -12.14 14.45
N VAL A 7 20.38 -11.77 13.37
CA VAL A 7 20.11 -10.55 12.65
C VAL A 7 20.20 -10.91 11.20
N TYR A 8 19.11 -10.78 10.47
CA TYR A 8 19.02 -11.29 9.11
C TYR A 8 18.34 -10.29 8.20
N ALA A 9 18.93 -10.04 7.04
CA ALA A 9 18.40 -9.11 6.06
C ALA A 9 18.08 -9.82 4.75
N ARG A 10 17.10 -9.32 4.01
CA ARG A 10 16.75 -9.87 2.72
C ARG A 10 16.31 -8.73 1.81
N GLU A 11 16.27 -9.00 0.52
CA GLU A 11 15.81 -8.05 -0.46
C GLU A 11 14.29 -8.15 -0.65
N VAL A 12 13.58 -7.03 -0.48
CA VAL A 12 12.15 -7.01 -0.76
C VAL A 12 11.85 -5.78 -1.60
N LEU A 13 10.58 -5.46 -1.77
CA LEU A 13 10.16 -4.37 -2.64
C LEU A 13 9.42 -3.29 -1.88
N ASP A 14 9.61 -2.04 -2.32
CA ASP A 14 8.89 -0.89 -1.77
C ASP A 14 7.67 -0.56 -2.62
N SER A 15 6.94 0.48 -2.24
CA SER A 15 5.65 0.77 -2.85
C SER A 15 5.73 1.27 -4.31
N ARG A 16 6.95 1.60 -4.75
CA ARG A 16 7.19 2.00 -6.13
C ARG A 16 7.73 0.87 -7.00
N GLY A 17 7.92 -0.31 -6.41
CA GLY A 17 8.34 -1.47 -7.19
C GLY A 17 9.84 -1.63 -7.23
N ASN A 18 10.55 -0.96 -6.31
CA ASN A 18 12.00 -0.96 -6.27
C ASN A 18 12.55 -1.69 -5.05
N PRO A 19 13.69 -2.35 -5.19
CA PRO A 19 14.18 -3.12 -4.08
C PRO A 19 14.41 -2.26 -2.85
N THR A 20 14.21 -2.84 -1.69
CA THR A 20 14.65 -2.21 -0.46
C THR A 20 15.03 -3.29 0.56
N VAL A 21 15.58 -2.84 1.68
CA VAL A 21 16.08 -3.71 2.71
C VAL A 21 15.02 -3.99 3.77
N GLU A 22 14.92 -5.28 4.13
CA GLU A 22 14.12 -5.76 5.25
C GLU A 22 15.04 -6.50 6.22
N VAL A 23 14.95 -6.21 7.51
CA VAL A 23 15.78 -6.85 8.50
C VAL A 23 14.96 -7.44 9.62
N GLU A 24 15.38 -8.61 10.10
CA GLU A 24 14.71 -9.29 11.22
C GLU A 24 15.70 -9.59 12.33
N VAL A 25 15.27 -9.34 13.55
CA VAL A 25 16.10 -9.53 14.71
C VAL A 25 15.38 -10.49 15.64
N LEU A 26 16.14 -11.41 16.20
CA LEU A 26 15.62 -12.39 17.16
C LEU A 26 16.53 -12.39 18.38
N THR A 27 15.95 -12.50 19.57
CA THR A 27 16.72 -12.70 20.80
C THR A 27 16.66 -14.15 21.23
N GLU A 28 17.48 -14.51 22.23
CA GLU A 28 17.59 -15.90 22.62
C GLU A 28 16.25 -16.45 23.08
N SER A 29 15.45 -15.64 23.77
CA SER A 29 14.09 -16.03 24.20
C SER A 29 13.03 -15.99 23.10
N GLY A 30 13.39 -15.58 21.89
CA GLY A 30 12.45 -15.60 20.78
C GLY A 30 11.68 -14.33 20.48
N ALA A 31 12.02 -13.22 21.14
CA ALA A 31 11.46 -11.91 20.79
C ALA A 31 11.94 -11.56 19.40
N PHE A 32 11.06 -10.92 18.65
CA PHE A 32 11.18 -10.75 17.21
C PHE A 32 10.83 -9.32 16.83
N GLY A 33 11.60 -8.76 15.91
CA GLY A 33 11.25 -7.49 15.27
C GLY A 33 11.62 -7.51 13.80
N ARG A 34 10.76 -6.91 12.97
CA ARG A 34 11.01 -6.77 11.55
C ARG A 34 10.90 -5.31 11.12
N ALA A 35 11.85 -4.88 10.31
CA ALA A 35 11.92 -3.52 9.82
C ALA A 35 12.07 -3.52 8.31
N LEU A 36 11.28 -2.69 7.63
CA LEU A 36 11.44 -2.44 6.19
C LEU A 36 11.76 -0.98 6.00
N VAL A 37 12.78 -0.73 5.21
CA VAL A 37 13.33 0.58 5.05
C VAL A 37 12.69 1.23 3.82
N PRO A 38 12.23 2.48 3.96
CA PRO A 38 11.73 3.22 2.81
C PRO A 38 12.84 3.70 1.86
N SER A 39 12.43 4.12 0.68
CA SER A 39 13.35 4.60 -0.35
C SER A 39 14.12 5.81 0.16
N GLY A 40 15.35 5.94 -0.29
CA GLY A 40 16.21 7.04 0.13
C GLY A 40 16.86 7.71 -1.07
N ALA A 41 18.01 8.32 -0.81
CA ALA A 41 18.84 8.90 -1.85
C ALA A 41 20.18 8.22 -1.72
N SER A 42 20.75 7.81 -2.85
CA SER A 42 22.06 7.18 -2.84
C SER A 42 23.20 8.19 -3.03
N THR A 43 22.86 9.43 -3.39
CA THR A 43 23.80 10.57 -3.39
C THR A 43 23.11 11.72 -2.70
N GLY A 44 23.89 12.61 -2.09
CA GLY A 44 23.37 13.80 -1.41
C GLY A 44 24.48 14.66 -0.85
N GLU A 45 24.15 15.86 -0.39
CA GLU A 45 25.16 16.74 0.19
C GLU A 45 25.30 16.46 1.68
N HIS A 46 24.18 16.37 2.39
CA HIS A 46 24.23 16.35 3.85
C HIS A 46 23.46 15.22 4.54
N GLU A 47 23.06 14.20 3.80
CA GLU A 47 22.21 13.15 4.34
C GLU A 47 22.90 11.80 4.33
N ALA A 48 22.38 10.89 5.14
CA ALA A 48 22.77 9.50 5.07
C ALA A 48 22.35 8.97 3.70
N VAL A 49 23.24 8.22 3.07
CA VAL A 49 22.97 7.69 1.75
C VAL A 49 22.74 6.20 1.85
N GLU A 50 21.80 5.72 1.04
CA GLU A 50 21.48 4.32 0.98
C GLU A 50 22.37 3.72 -0.07
N LEU A 51 22.63 2.43 0.05
CA LEU A 51 23.52 1.72 -0.87
C LEU A 51 22.74 0.90 -1.89
N ARG A 52 22.91 1.25 -3.16
CA ARG A 52 22.35 0.52 -4.30
C ARG A 52 23.46 -0.23 -5.05
N ASP A 53 23.08 -1.28 -5.76
CA ASP A 53 24.06 -2.15 -6.38
C ASP A 53 24.68 -1.59 -7.64
N GLY A 54 23.93 -0.80 -8.40
CA GLY A 54 24.39 -0.30 -9.70
C GLY A 54 24.51 -1.34 -10.81
N ASP A 55 23.95 -2.53 -10.63
CA ASP A 55 23.97 -3.59 -11.63
C ASP A 55 22.82 -3.33 -12.62
N LYS A 56 23.13 -2.73 -13.77
CA LYS A 56 22.12 -2.30 -14.74
C LYS A 56 21.18 -3.43 -15.20
N SER A 57 21.62 -4.68 -15.03
CA SER A 57 20.83 -5.85 -15.45
C SER A 57 20.06 -6.58 -14.32
N ARG A 58 19.87 -5.94 -13.18
CA ARG A 58 18.92 -6.40 -12.15
C ARG A 58 18.23 -5.15 -11.66
N TYR A 59 16.91 -5.14 -11.72
CA TYR A 59 16.16 -4.04 -11.17
C TYR A 59 16.65 -2.70 -11.67
N LEU A 60 17.10 -2.67 -12.92
CA LEU A 60 17.63 -1.45 -13.51
C LEU A 60 18.66 -0.75 -12.62
N GLY A 61 19.53 -1.52 -11.97
CA GLY A 61 20.57 -0.97 -11.09
C GLY A 61 20.16 -0.60 -9.67
N LYS A 62 18.92 -0.89 -9.29
CA LYS A 62 18.36 -0.44 -8.00
C LYS A 62 18.31 -1.55 -6.91
N GLY A 63 18.96 -2.69 -7.17
CA GLY A 63 18.96 -3.81 -6.24
C GLY A 63 19.76 -3.45 -5.02
N VAL A 64 19.47 -4.12 -3.90
CA VAL A 64 20.13 -3.80 -2.64
C VAL A 64 20.83 -4.99 -2.05
N THR A 65 21.35 -5.87 -2.89
CA THR A 65 22.01 -7.08 -2.42
C THR A 65 23.25 -6.75 -1.59
N LYS A 66 23.94 -5.66 -1.94
CA LYS A 66 25.15 -5.27 -1.20
C LYS A 66 24.81 -4.86 0.24
N ALA A 67 23.80 -4.01 0.38
CA ALA A 67 23.31 -3.61 1.70
C ALA A 67 22.90 -4.83 2.53
N VAL A 68 22.17 -5.76 1.90
CA VAL A 68 21.74 -7.03 2.53
C VAL A 68 22.96 -7.84 2.99
N GLU A 69 23.95 -7.96 2.12
CA GLU A 69 25.21 -8.64 2.47
C GLU A 69 25.87 -7.97 3.67
N ASN A 70 25.94 -6.64 3.65
CA ASN A 70 26.58 -5.94 4.74
C ASN A 70 25.89 -6.22 6.06
N VAL A 71 24.57 -6.33 6.04
CA VAL A 71 23.88 -6.69 7.26
C VAL A 71 24.31 -8.09 7.67
N ASN A 72 24.18 -9.05 6.76
CA ASN A 72 24.38 -10.46 7.10
C ASN A 72 25.84 -10.80 7.41
N GLU A 73 26.78 -10.13 6.74
CA GLU A 73 28.18 -10.51 6.84
C GLU A 73 29.05 -9.56 7.66
N ILE A 74 28.57 -8.36 7.97
CA ILE A 74 29.35 -7.40 8.74
C ILE A 74 28.67 -6.94 10.02
N ILE A 75 27.45 -6.41 9.91
CA ILE A 75 26.74 -5.92 11.09
C ILE A 75 26.30 -7.04 12.01
N ALA A 76 25.63 -8.05 11.47
CA ALA A 76 25.11 -9.16 12.30
C ALA A 76 26.20 -9.87 13.11
N PRO A 77 27.34 -10.23 12.48
CA PRO A 77 28.40 -10.87 13.27
C PRO A 77 28.98 -9.98 14.37
N GLU A 78 29.01 -8.67 14.15
CA GLU A 78 29.45 -7.76 15.23
C GLU A 78 28.45 -7.74 16.38
N ILE A 79 27.18 -7.84 16.05
CA ILE A 79 26.15 -7.79 17.06
C ILE A 79 26.10 -9.11 17.81
N ILE A 80 26.13 -10.22 17.08
CA ILE A 80 26.01 -11.53 17.71
C ILE A 80 27.21 -11.82 18.60
N GLU A 81 28.42 -11.63 18.06
CA GLU A 81 29.67 -11.90 18.79
C GLU A 81 29.88 -10.91 19.93
N GLY A 82 29.40 -9.69 19.77
CA GLY A 82 29.37 -8.71 20.85
C GLY A 82 28.38 -9.03 21.96
N GLU A 83 27.42 -9.93 21.73
CA GLU A 83 26.41 -10.24 22.74
C GLU A 83 25.71 -8.97 23.26
N PHE A 84 25.21 -8.16 22.35
CA PHE A 84 24.44 -6.98 22.75
C PHE A 84 23.05 -7.40 23.17
N SER A 85 22.53 -6.85 24.25
CA SER A 85 21.11 -7.03 24.51
C SER A 85 20.30 -6.15 23.58
N VAL A 86 19.13 -6.66 23.26
CA VAL A 86 18.18 -5.98 22.40
C VAL A 86 17.73 -4.64 22.99
N LEU A 87 17.90 -4.45 24.30
CA LEU A 87 17.51 -3.22 24.99
C LEU A 87 18.51 -2.06 24.86
N ASP A 88 19.72 -2.34 24.40
CA ASP A 88 20.75 -1.30 24.34
C ASP A 88 20.75 -0.64 22.97
N GLN A 89 19.66 0.05 22.65
CA GLN A 89 19.48 0.71 21.35
C GLN A 89 20.61 1.66 21.02
N VAL A 90 21.00 2.49 21.98
CA VAL A 90 21.99 3.50 21.74
C VAL A 90 23.38 2.93 21.51
N SER A 91 23.83 1.98 22.32
CA SER A 91 25.14 1.38 22.07
C SER A 91 25.18 0.70 20.70
N ILE A 92 24.10 0.03 20.31
CA ILE A 92 24.10 -0.69 19.03
C ILE A 92 24.14 0.30 17.89
N ASP A 93 23.33 1.34 18.00
CA ASP A 93 23.35 2.41 17.02
C ASP A 93 24.71 3.08 16.95
N LYS A 94 25.34 3.35 18.10
CA LYS A 94 26.67 3.98 18.12
C LYS A 94 27.71 3.05 17.51
N MET A 95 27.61 1.76 17.82
CA MET A 95 28.52 0.78 17.24
C MET A 95 28.39 0.75 15.71
N MET A 96 27.17 0.85 15.17
CA MET A 96 26.98 0.78 13.72
C MET A 96 27.54 2.02 13.03
N ILE A 97 27.27 3.20 13.60
CA ILE A 97 27.86 4.45 13.09
C ILE A 97 29.39 4.35 12.98
N ALA A 98 30.04 3.77 14.00
CA ALA A 98 31.51 3.69 14.02
C ALA A 98 32.06 2.60 13.09
N LEU A 99 31.31 1.51 12.98
CA LEU A 99 31.66 0.41 12.11
C LEU A 99 31.60 0.81 10.64
N ASP A 100 30.66 1.69 10.29
CA ASP A 100 30.65 2.29 8.96
C ASP A 100 31.76 3.33 8.82
N GLY A 101 31.91 4.17 9.85
CA GLY A 101 33.06 5.03 9.98
C GLY A 101 33.04 6.23 9.07
N THR A 102 32.01 6.36 8.22
CA THR A 102 31.85 7.57 7.41
C THR A 102 30.62 8.36 7.88
N PRO A 103 30.66 9.70 7.76
CA PRO A 103 29.50 10.53 8.19
C PRO A 103 28.23 10.29 7.35
N ASN A 104 28.46 9.88 6.13
CA ASN A 104 27.49 9.44 5.15
C ASN A 104 26.69 8.18 5.46
N LYS A 105 27.29 7.25 6.20
CA LYS A 105 26.85 5.85 6.22
C LYS A 105 26.94 5.15 4.87
N GLY A 106 27.82 5.62 4.01
CA GLY A 106 27.87 5.17 2.61
C GLY A 106 28.76 3.96 2.39
N LYS A 107 29.54 3.58 3.40
CA LYS A 107 30.31 2.33 3.33
C LYS A 107 29.33 1.16 3.45
N LEU A 108 28.57 1.11 4.55
CA LEU A 108 27.61 0.00 4.78
C LEU A 108 26.22 0.25 4.18
N GLY A 109 25.82 1.52 4.12
CA GLY A 109 24.54 1.91 3.57
C GLY A 109 23.60 2.30 4.69
N ALA A 110 22.98 3.47 4.56
CA ALA A 110 21.99 3.96 5.53
C ALA A 110 20.81 3.01 5.60
N ASN A 111 20.52 2.35 4.48
CA ASN A 111 19.47 1.35 4.42
C ASN A 111 19.80 0.11 5.25
N ALA A 112 21.07 -0.32 5.20
CA ALA A 112 21.51 -1.46 6.02
C ALA A 112 21.39 -1.14 7.50
N ILE A 113 22.01 -0.04 7.89
CA ILE A 113 22.05 0.38 9.30
C ILE A 113 20.67 0.65 9.90
N LEU A 114 19.81 1.38 9.16
CA LEU A 114 18.48 1.69 9.68
C LEU A 114 17.61 0.45 9.85
N GLY A 115 17.70 -0.47 8.90
CA GLY A 115 16.96 -1.70 8.98
C GLY A 115 17.27 -2.40 10.29
N VAL A 116 18.56 -2.47 10.61
CA VAL A 116 18.99 -3.06 11.86
C VAL A 116 18.47 -2.25 13.03
N SER A 117 18.66 -0.94 13.01
CA SER A 117 18.28 -0.05 14.10
C SER A 117 16.82 -0.19 14.54
N ILE A 118 15.93 -0.32 13.55
CA ILE A 118 14.50 -0.38 13.81
C ILE A 118 14.09 -1.80 14.21
N ALA A 119 14.67 -2.78 13.55
CA ALA A 119 14.42 -4.16 13.87
C ALA A 119 14.73 -4.44 15.34
N VAL A 120 15.86 -3.94 15.80
CA VAL A 120 16.23 -4.07 17.21
C VAL A 120 15.17 -3.46 18.14
N ALA A 121 14.76 -2.23 17.85
CA ALA A 121 13.82 -1.53 18.73
C ALA A 121 12.50 -2.29 18.79
N ARG A 122 12.06 -2.82 17.65
CA ARG A 122 10.82 -3.57 17.59
C ARG A 122 10.91 -4.88 18.34
N ALA A 123 12.07 -5.51 18.28
CA ALA A 123 12.29 -6.74 19.00
C ALA A 123 12.27 -6.48 20.50
N ALA A 124 12.84 -5.35 20.91
CA ALA A 124 12.86 -4.95 22.31
C ALA A 124 11.47 -4.70 22.82
N ALA A 125 10.64 -4.07 22.01
CA ALA A 125 9.27 -3.83 22.41
C ALA A 125 8.53 -5.13 22.56
N ASP A 126 8.75 -6.05 21.62
CA ASP A 126 8.15 -7.38 21.67
C ASP A 126 8.59 -8.13 22.93
N LEU A 127 9.87 -8.07 23.24
CA LEU A 127 10.45 -8.72 24.43
C LEU A 127 9.83 -8.26 25.74
N LEU A 128 9.56 -6.96 25.85
CA LEU A 128 9.02 -6.38 27.06
C LEU A 128 7.50 -6.45 27.15
N GLY A 129 6.84 -6.81 26.06
CA GLY A 129 5.38 -6.75 26.00
C GLY A 129 4.87 -5.33 25.98
N GLN A 130 5.63 -4.42 25.38
CA GLN A 130 5.24 -3.00 25.35
C GLN A 130 4.79 -2.60 23.96
N PRO A 131 3.74 -1.78 23.86
CA PRO A 131 3.57 -1.09 22.59
C PRO A 131 4.82 -0.28 22.26
N LEU A 132 5.20 -0.30 20.99
CA LEU A 132 6.43 0.30 20.55
C LEU A 132 6.54 1.76 20.98
N TYR A 133 5.45 2.51 20.92
CA TYR A 133 5.56 3.95 21.21
C TYR A 133 5.99 4.21 22.64
N LYS A 134 5.51 3.40 23.55
CA LYS A 134 5.87 3.52 24.96
C LYS A 134 7.30 3.04 25.26
N TYR A 135 7.74 1.98 24.60
CA TYR A 135 9.14 1.58 24.68
C TYR A 135 10.05 2.72 24.18
N LEU A 136 9.71 3.33 23.06
CA LEU A 136 10.56 4.38 22.49
C LEU A 136 10.52 5.68 23.27
N GLY A 137 9.36 6.05 23.77
CA GLY A 137 9.18 7.36 24.40
C GLY A 137 8.87 7.35 25.89
N GLY A 138 8.79 6.17 26.48
CA GLY A 138 8.53 6.06 27.89
C GLY A 138 7.05 6.13 28.13
N PHE A 139 6.68 6.16 29.40
CA PHE A 139 5.30 5.93 29.78
C PHE A 139 4.34 7.02 29.33
N ASN A 140 4.84 8.21 29.01
CA ASN A 140 3.96 9.33 28.70
C ASN A 140 3.77 9.61 27.22
N GLY A 141 4.19 8.67 26.37
CA GLY A 141 3.90 8.75 24.94
C GLY A 141 2.42 8.51 24.70
N LYS A 142 1.67 9.58 24.40
CA LYS A 142 0.20 9.49 24.34
C LYS A 142 -0.49 10.46 23.38
N GLN A 143 0.26 11.32 22.69
CA GLN A 143 -0.34 12.34 21.86
C GLN A 143 -0.38 11.89 20.39
N LEU A 144 -1.58 11.87 19.84
CA LEU A 144 -1.78 11.50 18.45
C LEU A 144 -1.49 12.70 17.56
N PRO A 145 -0.88 12.44 16.40
CA PRO A 145 -0.50 13.55 15.57
C PRO A 145 -1.65 14.06 14.75
N VAL A 146 -1.69 15.38 14.60
CA VAL A 146 -2.46 15.96 13.51
C VAL A 146 -1.81 15.56 12.19
N PRO A 147 -2.57 14.93 11.27
CA PRO A 147 -1.92 14.54 10.03
C PRO A 147 -1.94 15.61 8.94
N MET A 148 -0.80 15.75 8.25
CA MET A 148 -0.71 16.51 7.00
C MET A 148 -1.01 15.54 5.88
N MET A 149 -2.18 15.72 5.26
CA MET A 149 -2.65 14.73 4.29
C MET A 149 -2.50 15.25 2.89
N ASN A 150 -1.61 14.61 2.14
CA ASN A 150 -1.39 14.95 0.76
C ASN A 150 -2.71 14.77 0.03
N ILE A 151 -3.07 15.75 -0.78
CA ILE A 151 -4.32 15.71 -1.54
C ILE A 151 -4.07 16.04 -3.02
N VAL A 152 -3.25 17.05 -3.31
CA VAL A 152 -2.97 17.45 -4.69
C VAL A 152 -1.49 17.71 -4.90
N ASN A 153 -0.98 17.27 -6.05
CA ASN A 153 0.43 17.41 -6.37
C ASN A 153 0.64 18.31 -7.58
N GLY A 154 1.83 18.90 -7.62
CA GLY A 154 2.21 19.81 -8.68
C GLY A 154 3.69 19.73 -8.97
N GLY A 155 4.25 20.85 -9.40
CA GLY A 155 5.68 20.94 -9.66
C GLY A 155 6.13 19.81 -10.53
N SER A 156 7.22 19.16 -10.13
CA SER A 156 7.79 18.08 -10.94
C SER A 156 6.93 16.81 -10.91
N HIS A 157 5.97 16.72 -9.98
CA HIS A 157 5.02 15.58 -9.95
C HIS A 157 3.73 15.82 -10.73
N SER A 158 3.72 16.76 -11.68
CA SER A 158 2.49 17.08 -12.41
C SER A 158 2.78 17.74 -13.75
N ASP A 159 1.83 17.64 -14.66
CA ASP A 159 1.87 18.33 -15.95
C ASP A 159 1.14 19.66 -15.89
N ALA A 160 0.38 19.88 -14.82
CA ALA A 160 -0.40 21.10 -14.69
C ALA A 160 0.50 22.32 -14.39
N PRO A 161 0.10 23.53 -14.84
CA PRO A 161 0.91 24.74 -14.63
C PRO A 161 0.99 25.22 -13.17
N ILE A 162 1.57 24.38 -12.32
CA ILE A 162 1.66 24.66 -10.86
C ILE A 162 3.08 24.39 -10.37
N ALA A 163 3.67 25.37 -9.69
CA ALA A 163 5.05 25.26 -9.24
C ALA A 163 5.18 24.50 -7.92
N PHE A 164 4.22 24.68 -7.01
CA PHE A 164 4.28 23.96 -5.74
C PHE A 164 4.07 22.46 -5.95
N GLN A 165 4.92 21.70 -5.28
CA GLN A 165 4.95 20.26 -5.44
C GLN A 165 3.78 19.55 -4.77
N GLU A 166 3.34 20.02 -3.60
CA GLU A 166 2.24 19.34 -2.95
C GLU A 166 1.36 20.28 -2.10
N PHE A 167 0.08 19.95 -2.08
CA PHE A 167 -0.95 20.67 -1.32
C PHE A 167 -1.58 19.68 -0.36
N MET A 168 -1.86 20.12 0.85
CA MET A 168 -2.33 19.26 1.90
C MET A 168 -3.53 19.82 2.64
N ILE A 169 -4.30 18.92 3.23
CA ILE A 169 -5.33 19.28 4.17
C ILE A 169 -4.91 18.82 5.57
N LEU A 170 -5.32 19.58 6.58
CA LEU A 170 -4.98 19.28 7.97
C LEU A 170 -6.25 19.41 8.77
N PRO A 171 -6.75 18.28 9.34
CA PRO A 171 -8.01 18.31 10.11
C PRO A 171 -7.74 18.63 11.56
N VAL A 172 -7.24 19.83 11.79
CA VAL A 172 -6.84 20.22 13.13
C VAL A 172 -8.03 20.32 14.09
N GLY A 173 -9.22 20.62 13.57
CA GLY A 173 -10.36 20.89 14.44
C GLY A 173 -11.08 19.66 14.98
N ALA A 174 -10.73 18.47 14.51
CA ALA A 174 -11.29 17.24 15.06
C ALA A 174 -10.88 17.06 16.52
N THR A 175 -11.64 16.26 17.27
CA THR A 175 -11.37 16.04 18.69
C THR A 175 -10.62 14.75 18.96
N THR A 176 -10.60 13.82 18.00
CA THR A 176 -9.81 12.59 18.10
C THR A 176 -9.09 12.41 16.79
N PHE A 177 -8.03 11.61 16.81
CA PHE A 177 -7.37 11.25 15.59
C PHE A 177 -8.31 10.47 14.68
N LYS A 178 -9.13 9.60 15.28
CA LYS A 178 -10.11 8.80 14.55
C LYS A 178 -11.03 9.66 13.68
N GLU A 179 -11.61 10.67 14.30
CA GLU A 179 -12.46 11.61 13.61
C GLU A 179 -11.67 12.35 12.51
N SER A 180 -10.45 12.75 12.83
CA SER A 180 -9.63 13.52 11.90
C SER A 180 -9.37 12.73 10.62
N LEU A 181 -9.12 11.45 10.77
CA LEU A 181 -8.93 10.55 9.63
C LEU A 181 -10.19 10.45 8.78
N ARG A 182 -11.34 10.33 9.45
CA ARG A 182 -12.62 10.22 8.75
C ARG A 182 -12.80 11.41 7.84
N TRP A 183 -12.62 12.60 8.41
CA TRP A 183 -12.80 13.85 7.68
C TRP A 183 -11.90 13.83 6.48
N GLY A 184 -10.64 13.51 6.69
CA GLY A 184 -9.71 13.38 5.57
C GLY A 184 -10.30 12.58 4.41
N THR A 185 -10.87 11.42 4.70
CA THR A 185 -11.29 10.55 3.62
C THR A 185 -12.52 11.13 2.96
N GLU A 186 -13.41 11.68 3.76
CA GLU A 186 -14.61 12.28 3.21
C GLU A 186 -14.25 13.39 2.24
N ILE A 187 -13.29 14.23 2.63
CA ILE A 187 -12.84 15.34 1.78
C ILE A 187 -12.17 14.82 0.52
N PHE A 188 -11.28 13.86 0.70
CA PHE A 188 -10.62 13.21 -0.41
C PHE A 188 -11.59 12.68 -1.45
N HIS A 189 -12.60 11.95 -0.99
CA HIS A 189 -13.56 11.29 -1.88
C HIS A 189 -14.46 12.31 -2.56
N ASN A 190 -14.86 13.34 -1.83
CA ASN A 190 -15.61 14.45 -2.40
C ASN A 190 -14.81 15.16 -3.49
N LEU A 191 -13.51 15.31 -3.26
CA LEU A 191 -12.66 15.93 -4.26
C LEU A 191 -12.59 15.08 -5.50
N LYS A 192 -12.59 13.78 -5.32
CA LYS A 192 -12.54 12.88 -6.45
C LYS A 192 -13.74 13.06 -7.37
N SER A 193 -14.94 13.23 -6.80
CA SER A 193 -16.15 13.43 -7.57
C SER A 193 -16.07 14.70 -8.35
N ILE A 194 -15.78 15.77 -7.62
CA ILE A 194 -15.65 17.08 -8.23
C ILE A 194 -14.71 17.05 -9.43
N LEU A 195 -13.57 16.40 -9.28
CA LEU A 195 -12.60 16.30 -10.39
C LEU A 195 -13.15 15.49 -11.54
N SER A 196 -13.81 14.40 -11.20
CA SER A 196 -14.41 13.54 -12.19
C SER A 196 -15.51 14.29 -12.98
N LYS A 197 -16.38 15.03 -12.27
CA LYS A 197 -17.38 15.89 -12.93
C LYS A 197 -16.74 16.95 -13.84
N ARG A 198 -15.57 17.44 -13.46
CA ARG A 198 -14.82 18.37 -14.31
C ARG A 198 -14.10 17.67 -15.45
N GLY A 199 -14.12 16.34 -15.47
CA GLY A 199 -13.40 15.59 -16.48
C GLY A 199 -11.90 15.54 -16.29
N LEU A 200 -11.43 15.75 -15.06
CA LEU A 200 -9.99 15.71 -14.77
C LEU A 200 -9.48 14.34 -14.28
N GLU A 201 -8.17 14.11 -14.42
CA GLU A 201 -7.54 12.86 -13.98
C GLU A 201 -7.76 12.53 -12.49
N THR A 202 -8.04 11.27 -12.24
CA THR A 202 -8.44 10.76 -10.93
C THR A 202 -7.48 9.67 -10.42
N ALA A 203 -6.68 9.07 -11.31
CA ALA A 203 -5.59 8.21 -10.92
C ALA A 203 -4.64 8.93 -9.93
N VAL A 204 -3.90 8.15 -9.15
CA VAL A 204 -3.09 8.72 -8.07
C VAL A 204 -1.58 8.53 -8.28
N GLY A 205 -0.80 9.37 -7.62
CA GLY A 205 0.65 9.29 -7.67
C GLY A 205 1.19 8.45 -6.52
N ASP A 206 2.47 8.67 -6.21
CA ASP A 206 3.20 7.84 -5.25
C ASP A 206 2.64 7.96 -3.84
N GLU A 207 2.24 9.16 -3.47
CA GLU A 207 1.66 9.43 -2.16
C GLU A 207 0.15 9.13 -2.09
N GLY A 208 -0.43 8.75 -3.20
CA GLY A 208 -1.84 8.37 -3.26
C GLY A 208 -2.81 9.52 -3.42
N GLY A 209 -2.27 10.68 -3.81
CA GLY A 209 -3.05 11.87 -4.11
C GLY A 209 -3.14 12.12 -5.61
N PHE A 210 -3.74 13.23 -5.96
CA PHE A 210 -4.13 13.52 -7.34
C PHE A 210 -3.18 14.50 -7.99
N ALA A 211 -2.98 14.39 -9.29
CA ALA A 211 -2.20 15.39 -10.04
C ALA A 211 -3.00 15.88 -11.26
N PRO A 212 -4.15 16.52 -11.02
CA PRO A 212 -5.00 16.92 -12.15
C PRO A 212 -4.53 18.19 -12.87
N LYS A 213 -5.05 18.37 -14.08
CA LYS A 213 -4.68 19.48 -14.96
C LYS A 213 -5.45 20.78 -14.61
N PHE A 214 -5.25 21.29 -13.40
CA PHE A 214 -5.83 22.58 -12.97
C PHE A 214 -5.24 23.72 -13.80
N GLU A 215 -5.92 24.86 -13.79
CA GLU A 215 -5.46 26.03 -14.52
C GLU A 215 -4.29 26.71 -13.85
N GLY A 216 -4.14 26.50 -12.55
CA GLY A 216 -3.06 27.12 -11.79
C GLY A 216 -3.26 26.93 -10.30
N THR A 217 -2.45 27.64 -9.52
CA THR A 217 -2.38 27.42 -8.10
C THR A 217 -3.70 27.75 -7.41
N GLU A 218 -4.33 28.85 -7.83
CA GLU A 218 -5.59 29.26 -7.21
C GLU A 218 -6.71 28.28 -7.55
N ASP A 219 -6.74 27.80 -8.78
CA ASP A 219 -7.68 26.77 -9.20
C ASP A 219 -7.54 25.58 -8.24
N ALA A 220 -6.30 25.17 -7.98
CA ALA A 220 -6.02 24.03 -7.15
C ALA A 220 -6.51 24.27 -5.73
N VAL A 221 -6.07 25.39 -5.14
CA VAL A 221 -6.42 25.69 -3.76
C VAL A 221 -7.93 25.73 -3.60
N GLU A 222 -8.59 26.57 -4.38
CA GLU A 222 -10.03 26.80 -4.29
C GLU A 222 -10.87 25.56 -4.51
N THR A 223 -10.38 24.67 -5.37
CA THR A 223 -11.02 23.36 -5.58
C THR A 223 -10.87 22.46 -4.35
N ILE A 224 -9.75 22.55 -3.65
CA ILE A 224 -9.60 21.81 -2.41
C ILE A 224 -10.61 22.38 -1.42
N ILE A 225 -10.64 23.70 -1.27
CA ILE A 225 -11.58 24.37 -0.38
C ILE A 225 -13.02 23.90 -0.62
N GLN A 226 -13.41 23.90 -1.90
CA GLN A 226 -14.71 23.43 -2.36
C GLN A 226 -14.99 22.01 -1.87
N ALA A 227 -14.00 21.13 -1.99
CA ALA A 227 -14.13 19.76 -1.48
C ALA A 227 -14.29 19.70 0.05
N ILE A 228 -13.55 20.53 0.78
CA ILE A 228 -13.73 20.64 2.23
C ILE A 228 -15.18 20.98 2.58
N GLU A 229 -15.72 22.02 1.93
CA GLU A 229 -17.06 22.53 2.20
C GLU A 229 -18.13 21.53 1.77
N ALA A 230 -17.91 20.86 0.65
CA ALA A 230 -18.90 19.93 0.12
C ALA A 230 -19.03 18.69 1.02
N ALA A 231 -17.98 18.40 1.78
CA ALA A 231 -17.98 17.29 2.72
C ALA A 231 -18.58 17.69 4.07
N GLY A 232 -18.86 18.98 4.26
CA GLY A 232 -19.51 19.47 5.49
C GLY A 232 -18.59 20.10 6.52
N TYR A 233 -17.36 20.40 6.14
CA TYR A 233 -16.40 20.94 7.10
C TYR A 233 -16.06 22.38 6.78
N LYS A 234 -15.56 23.09 7.80
CA LYS A 234 -15.26 24.51 7.69
C LYS A 234 -13.77 24.75 7.46
N PRO A 235 -13.42 25.40 6.33
CA PRO A 235 -12.02 25.74 6.00
C PRO A 235 -11.24 26.56 7.05
N GLY A 236 -11.83 27.60 7.62
CA GLY A 236 -11.06 28.38 8.61
C GLY A 236 -10.77 27.77 9.99
N GLU A 237 -11.42 26.65 10.32
CA GLU A 237 -11.60 26.24 11.71
C GLU A 237 -11.33 24.75 11.94
N GLU A 238 -11.98 23.91 11.14
CA GLU A 238 -11.89 22.46 11.28
C GLU A 238 -10.77 21.88 10.41
N VAL A 239 -10.66 22.35 9.17
CA VAL A 239 -9.66 21.86 8.24
C VAL A 239 -8.84 23.01 7.65
N PHE A 240 -7.53 22.86 7.67
CA PHE A 240 -6.62 23.90 7.21
C PHE A 240 -5.86 23.34 6.04
N LEU A 241 -5.13 24.21 5.36
CA LEU A 241 -4.36 23.80 4.19
C LEU A 241 -2.88 23.91 4.45
N GLY A 242 -2.09 23.15 3.71
CA GLY A 242 -0.64 23.31 3.74
C GLY A 242 0.02 23.15 2.38
N PHE A 243 1.24 23.66 2.23
CA PHE A 243 2.09 23.45 1.03
C PHE A 243 3.40 22.75 1.34
N ASP A 244 3.89 21.98 0.35
CA ASP A 244 5.34 21.76 0.14
C ASP A 244 5.63 22.44 -1.20
N CYS A 245 6.19 23.65 -1.13
CA CYS A 245 6.60 24.39 -2.33
C CYS A 245 7.75 23.71 -3.07
N ALA A 246 8.62 23.02 -2.33
CA ALA A 246 9.86 22.45 -2.87
C ALA A 246 10.53 23.51 -3.72
N SER A 247 10.63 24.72 -3.20
CA SER A 247 11.08 25.86 -3.98
C SER A 247 12.50 25.71 -4.55
N SER A 248 13.31 24.84 -3.97
CA SER A 248 14.62 24.55 -4.52
C SER A 248 14.54 24.03 -5.95
N GLU A 249 13.50 23.26 -6.24
CA GLU A 249 13.29 22.70 -7.57
C GLU A 249 13.21 23.78 -8.65
N PHE A 250 12.72 24.98 -8.32
CA PHE A 250 12.63 26.06 -9.30
C PHE A 250 13.37 27.35 -8.95
N TYR A 251 14.41 27.24 -8.13
CA TYR A 251 15.23 28.39 -7.77
C TYR A 251 16.59 28.28 -8.45
N GLU A 252 17.10 29.41 -8.95
CA GLU A 252 18.44 29.49 -9.56
C GLU A 252 18.88 30.95 -9.59
N ASN A 253 20.10 31.20 -9.11
CA ASN A 253 20.70 32.53 -9.19
C ASN A 253 19.87 33.64 -8.54
N GLY A 254 19.28 33.36 -7.39
CA GLY A 254 18.50 34.37 -6.69
C GLY A 254 17.12 34.60 -7.26
N VAL A 255 16.71 33.78 -8.23
CA VAL A 255 15.37 33.88 -8.81
C VAL A 255 14.53 32.62 -8.54
N TYR A 256 13.39 32.84 -7.91
CA TYR A 256 12.34 31.84 -7.83
C TYR A 256 11.59 31.88 -9.16
N ASP A 257 11.96 30.96 -10.04
CA ASP A 257 11.46 31.00 -11.41
C ASP A 257 10.26 30.10 -11.61
N TYR A 258 9.09 30.70 -11.48
CA TYR A 258 7.83 29.99 -11.61
C TYR A 258 7.60 29.50 -13.04
N SER A 259 8.35 30.01 -14.00
CA SER A 259 8.18 29.56 -15.39
C SER A 259 8.81 28.19 -15.68
N LYS A 260 9.64 27.68 -14.76
CA LYS A 260 10.12 26.30 -14.89
C LYS A 260 8.91 25.37 -14.88
N PHE A 261 7.84 25.75 -14.18
CA PHE A 261 6.61 24.93 -14.11
C PHE A 261 5.30 25.59 -14.55
N GLU A 262 5.19 26.92 -14.52
CA GLU A 262 3.90 27.57 -14.82
C GLU A 262 3.83 28.19 -16.23
N GLY A 263 4.78 27.85 -17.10
CA GLY A 263 4.73 28.27 -18.51
C GLY A 263 5.28 29.65 -18.79
N GLU A 264 5.29 30.02 -20.08
CA GLU A 264 5.87 31.28 -20.58
C GLU A 264 5.74 32.49 -19.66
N HIS A 265 4.54 32.70 -19.11
CA HIS A 265 4.26 33.94 -18.36
C HIS A 265 4.37 33.81 -16.84
N GLY A 266 4.97 32.73 -16.36
CA GLY A 266 5.18 32.53 -14.93
C GLY A 266 6.06 33.60 -14.33
N ALA A 267 5.71 34.04 -13.13
CA ALA A 267 6.45 35.09 -12.47
C ALA A 267 7.89 34.65 -12.19
N LYS A 268 8.84 35.54 -12.41
CA LYS A 268 10.21 35.32 -11.98
C LYS A 268 10.45 36.22 -10.77
N ARG A 269 10.44 35.64 -9.57
CA ARG A 269 10.43 36.44 -8.35
C ARG A 269 11.78 36.42 -7.66
N THR A 270 12.14 37.57 -7.10
CA THR A 270 13.29 37.66 -6.18
C THR A 270 12.88 37.10 -4.82
N ALA A 271 13.85 36.99 -3.94
CA ALA A 271 13.60 36.52 -2.58
C ALA A 271 12.53 37.35 -1.85
N ALA A 272 12.59 38.67 -1.97
CA ALA A 272 11.64 39.56 -1.31
C ALA A 272 10.25 39.41 -1.90
N GLU A 273 10.20 39.15 -3.21
CA GLU A 273 8.93 38.92 -3.90
C GLU A 273 8.33 37.53 -3.63
N GLN A 274 9.19 36.55 -3.40
CA GLN A 274 8.72 35.22 -3.00
C GLN A 274 7.99 35.30 -1.64
N VAL A 275 8.56 36.07 -0.73
CA VAL A 275 7.98 36.24 0.59
C VAL A 275 6.65 36.96 0.49
N ASP A 276 6.64 38.08 -0.23
CA ASP A 276 5.38 38.81 -0.46
C ASP A 276 4.33 37.86 -1.01
N TYR A 277 4.72 37.06 -2.01
CA TYR A 277 3.78 36.14 -2.66
C TYR A 277 3.22 35.12 -1.66
N LEU A 278 4.09 34.55 -0.83
CA LEU A 278 3.63 33.59 0.17
C LEU A 278 2.77 34.27 1.25
N GLU A 279 3.12 35.50 1.62
CA GLU A 279 2.31 36.24 2.58
C GLU A 279 0.93 36.52 2.00
N GLN A 280 0.88 36.95 0.74
CA GLN A 280 -0.40 37.17 0.04
C GLN A 280 -1.27 35.93 0.10
N LEU A 281 -0.69 34.78 -0.30
CA LEU A 281 -1.40 33.49 -0.32
C LEU A 281 -1.97 33.11 1.07
N VAL A 282 -1.20 33.42 2.11
CA VAL A 282 -1.57 33.06 3.46
C VAL A 282 -2.67 33.96 4.01
N ASP A 283 -2.63 35.25 3.63
CA ASP A 283 -3.71 36.19 3.93
C ASP A 283 -4.98 35.91 3.15
N LYS A 284 -4.88 35.21 2.04
CA LYS A 284 -6.04 34.91 1.22
C LYS A 284 -6.68 33.57 1.59
N TYR A 285 -5.86 32.58 1.87
CA TYR A 285 -6.32 31.22 2.07
C TYR A 285 -5.95 30.70 3.45
N PRO A 286 -6.73 29.76 4.01
CA PRO A 286 -6.45 29.29 5.37
C PRO A 286 -5.29 28.30 5.39
N ILE A 287 -4.09 28.82 5.19
CA ILE A 287 -2.88 28.04 5.10
C ILE A 287 -2.16 28.11 6.43
N ILE A 288 -1.94 26.94 7.04
CA ILE A 288 -1.32 26.88 8.36
C ILE A 288 0.14 26.39 8.27
N THR A 289 0.55 25.85 7.14
CA THR A 289 1.89 25.28 7.06
C THR A 289 2.47 25.37 5.66
N ILE A 290 3.76 25.72 5.57
CA ILE A 290 4.47 25.80 4.31
C ILE A 290 5.82 25.14 4.46
N GLU A 291 6.08 24.15 3.62
CA GLU A 291 7.35 23.42 3.61
C GLU A 291 8.21 23.94 2.47
N ASP A 292 9.49 24.20 2.76
CA ASP A 292 10.45 24.71 1.78
C ASP A 292 9.92 25.87 0.92
N GLY A 293 9.41 26.89 1.59
CA GLY A 293 8.96 28.11 0.94
C GLY A 293 10.08 28.86 0.25
N MET A 294 11.28 28.75 0.82
CA MET A 294 12.49 29.29 0.21
C MET A 294 13.45 28.14 -0.08
N ASP A 295 14.48 28.45 -0.86
CA ASP A 295 15.49 27.50 -1.34
C ASP A 295 16.32 26.97 -0.18
N GLU A 296 16.79 25.74 -0.39
CA GLU A 296 17.62 25.05 0.59
C GLU A 296 18.86 25.83 0.97
N ASN A 297 19.35 26.73 0.12
CA ASN A 297 20.51 27.57 0.45
C ASN A 297 20.23 29.06 0.66
N ASP A 298 18.97 29.48 0.54
CA ASP A 298 18.61 30.91 0.68
C ASP A 298 18.24 31.24 2.14
N TRP A 299 19.24 31.24 3.01
CA TRP A 299 19.04 31.43 4.45
C TRP A 299 18.51 32.84 4.75
N ASP A 300 19.02 33.85 4.06
CA ASP A 300 18.48 35.20 4.18
C ASP A 300 17.00 35.24 3.84
N GLY A 301 16.61 34.53 2.79
CA GLY A 301 15.20 34.46 2.39
C GLY A 301 14.35 33.79 3.48
N TRP A 302 14.83 32.64 3.94
CA TRP A 302 14.21 31.94 5.05
C TRP A 302 14.04 32.84 6.28
N LYS A 303 15.06 33.64 6.55
CA LYS A 303 15.01 34.60 7.65
C LYS A 303 13.85 35.59 7.46
N GLN A 304 13.82 36.20 6.28
CA GLN A 304 12.82 37.17 5.89
C GLN A 304 11.42 36.54 6.04
N LEU A 305 11.27 35.34 5.50
CA LEU A 305 9.98 34.64 5.54
C LEU A 305 9.57 34.29 6.98
N THR A 306 10.54 33.87 7.79
CA THR A 306 10.28 33.56 9.19
C THR A 306 9.87 34.81 9.96
N GLU A 307 10.63 35.90 9.79
CA GLU A 307 10.26 37.20 10.39
C GLU A 307 8.88 37.66 9.96
N ARG A 308 8.48 37.40 8.72
CA ARG A 308 7.21 37.92 8.29
C ARG A 308 5.96 37.13 8.61
N ILE A 309 5.97 35.80 8.42
CA ILE A 309 4.77 35.01 8.72
C ILE A 309 4.97 33.93 9.77
N GLY A 310 6.19 33.82 10.29
CA GLY A 310 6.53 32.74 11.22
C GLY A 310 5.78 32.71 12.55
N ASP A 311 5.25 33.84 12.98
CA ASP A 311 4.47 33.91 14.22
C ASP A 311 3.11 33.18 14.10
N ARG A 312 2.56 33.13 12.89
CA ARG A 312 1.21 32.59 12.66
C ARG A 312 1.12 31.47 11.63
N VAL A 313 2.26 31.08 11.06
CA VAL A 313 2.29 30.04 10.04
C VAL A 313 3.49 29.16 10.31
N GLN A 314 3.28 27.85 10.17
CA GLN A 314 4.35 26.91 10.33
C GLN A 314 5.21 26.85 9.07
N LEU A 315 6.52 26.88 9.27
CA LEU A 315 7.47 26.90 8.18
C LEU A 315 8.42 25.73 8.37
N VAL A 316 8.34 24.80 7.44
CA VAL A 316 8.99 23.52 7.59
C VAL A 316 10.18 23.41 6.66
N GLY A 317 11.35 23.17 7.25
CA GLY A 317 12.53 22.80 6.48
C GLY A 317 12.55 21.29 6.23
N ASP A 318 12.59 20.93 4.96
CA ASP A 318 12.77 19.56 4.51
C ASP A 318 14.13 19.54 3.82
N ASP A 319 14.20 20.07 2.60
CA ASP A 319 15.50 20.22 1.92
C ASP A 319 16.44 21.15 2.67
N LEU A 320 15.87 22.07 3.44
CA LEU A 320 16.68 22.97 4.22
C LEU A 320 17.51 22.21 5.27
N PHE A 321 16.87 21.33 6.05
CA PHE A 321 17.55 20.63 7.16
C PHE A 321 18.02 19.23 6.86
N VAL A 322 17.31 18.53 5.99
CA VAL A 322 17.76 17.23 5.52
C VAL A 322 17.96 16.27 6.74
N THR A 323 17.14 16.43 7.78
CA THR A 323 17.23 15.67 9.03
C THR A 323 18.67 15.60 9.58
N ASN A 324 19.38 16.73 9.53
CA ASN A 324 20.77 16.85 9.97
C ASN A 324 20.83 17.87 11.13
N THR A 325 21.34 17.43 12.27
CA THR A 325 21.26 18.24 13.49
C THR A 325 22.28 19.36 13.53
N GLU A 326 23.42 19.20 12.86
CA GLU A 326 24.38 20.30 12.67
C GLU A 326 23.74 21.44 11.85
N ILE A 327 22.96 21.09 10.83
CA ILE A 327 22.24 22.09 10.06
C ILE A 327 21.03 22.64 10.84
N LEU A 328 20.28 21.75 11.50
CA LEU A 328 19.17 22.22 12.34
C LEU A 328 19.64 23.23 13.36
N ALA A 329 20.76 22.92 14.02
CA ALA A 329 21.31 23.81 15.04
C ALA A 329 21.59 25.19 14.49
N LYS A 330 22.22 25.27 13.31
CA LYS A 330 22.50 26.58 12.69
C LYS A 330 21.19 27.30 12.40
N GLY A 331 20.20 26.58 11.92
CA GLY A 331 18.88 27.17 11.67
C GLY A 331 18.23 27.75 12.92
N ILE A 332 18.29 26.98 14.00
CA ILE A 332 17.79 27.42 15.29
C ILE A 332 18.53 28.66 15.76
N GLU A 333 19.85 28.68 15.62
CA GLU A 333 20.66 29.81 16.12
C GLU A 333 20.42 31.10 15.30
N ASN A 334 19.91 30.96 14.07
CA ASN A 334 19.67 32.08 13.16
C ASN A 334 18.20 32.43 13.03
N GLY A 335 17.34 31.77 13.80
CA GLY A 335 15.93 32.08 13.78
C GLY A 335 15.31 31.76 12.43
N ILE A 336 15.73 30.67 11.80
CA ILE A 336 15.12 30.30 10.53
C ILE A 336 14.24 29.06 10.64
N GLY A 337 13.04 29.17 10.08
CA GLY A 337 12.01 28.17 10.17
C GLY A 337 11.44 28.06 11.57
N ASN A 338 10.42 27.21 11.73
CA ASN A 338 9.96 26.81 13.06
C ASN A 338 9.46 25.38 13.11
N SER A 339 9.96 24.56 12.19
CA SER A 339 9.55 23.19 12.09
C SER A 339 10.56 22.46 11.21
N ILE A 340 10.72 21.17 11.47
CA ILE A 340 11.63 20.33 10.69
C ILE A 340 10.96 19.03 10.33
N LEU A 341 11.13 18.62 9.08
CA LEU A 341 10.62 17.35 8.60
C LEU A 341 11.62 16.27 8.96
N ILE A 342 11.20 15.30 9.74
CA ILE A 342 12.07 14.23 10.16
C ILE A 342 11.86 13.04 9.23
N LYS A 343 12.87 12.74 8.42
CA LYS A 343 12.89 11.53 7.60
C LYS A 343 13.92 10.59 8.18
N VAL A 344 13.43 9.51 8.78
CA VAL A 344 14.24 8.59 9.57
C VAL A 344 15.42 8.05 8.78
N ASN A 345 15.18 7.68 7.53
CA ASN A 345 16.25 7.10 6.71
C ASN A 345 17.22 8.10 6.12
N GLN A 346 16.87 9.37 6.18
CA GLN A 346 17.80 10.43 5.83
C GLN A 346 18.90 10.63 6.90
N ILE A 347 18.65 10.16 8.13
CA ILE A 347 19.66 10.25 9.21
C ILE A 347 20.27 8.87 9.52
N GLY A 348 19.44 7.82 9.55
CA GLY A 348 19.95 6.45 9.46
C GLY A 348 19.92 5.58 10.71
N THR A 349 19.65 6.16 11.88
CA THR A 349 19.42 5.35 13.09
C THR A 349 18.24 5.90 13.86
N LEU A 350 17.61 5.06 14.68
CA LEU A 350 16.56 5.56 15.58
C LEU A 350 17.14 6.53 16.61
N THR A 351 18.33 6.24 17.12
CA THR A 351 18.93 7.12 18.12
C THR A 351 19.09 8.55 17.58
N GLU A 352 19.71 8.65 16.42
CA GLU A 352 19.96 9.97 15.83
C GLU A 352 18.65 10.68 15.52
N THR A 353 17.64 9.91 15.13
CA THR A 353 16.30 10.41 14.87
C THR A 353 15.69 11.06 16.10
N PHE A 354 15.79 10.38 17.25
CA PHE A 354 15.25 10.92 18.50
C PHE A 354 16.03 12.14 18.98
N ASP A 355 17.34 12.17 18.71
CA ASP A 355 18.15 13.34 19.02
C ASP A 355 17.71 14.55 18.18
N ALA A 356 17.34 14.33 16.93
CA ALA A 356 16.90 15.44 16.08
C ALA A 356 15.55 15.97 16.56
N ILE A 357 14.66 15.06 16.92
CA ILE A 357 13.34 15.44 17.41
C ILE A 357 13.46 16.22 18.70
N GLU A 358 14.25 15.69 19.64
CA GLU A 358 14.52 16.37 20.90
C GLU A 358 15.14 17.76 20.67
N MET A 359 16.17 17.85 19.82
CA MET A 359 16.77 19.15 19.50
C MET A 359 15.72 20.12 18.99
N ALA A 360 14.91 19.65 18.04
CA ALA A 360 13.87 20.47 17.46
C ALA A 360 12.91 20.94 18.54
N GLN A 361 12.45 20.00 19.35
CA GLN A 361 11.41 20.31 20.32
C GLN A 361 11.91 21.32 21.33
N LYS A 362 13.13 21.12 21.78
CA LYS A 362 13.73 21.99 22.80
C LYS A 362 14.02 23.40 22.30
N ALA A 363 14.00 23.61 20.99
CA ALA A 363 14.06 24.96 20.44
C ALA A 363 12.68 25.56 20.16
N GLY A 364 11.60 24.91 20.58
CA GLY A 364 10.25 25.41 20.28
C GLY A 364 9.81 25.16 18.84
N TYR A 365 10.58 24.34 18.12
CA TYR A 365 10.18 23.87 16.80
C TYR A 365 9.33 22.62 16.92
N THR A 366 8.65 22.33 15.83
CA THR A 366 7.84 21.16 15.69
C THR A 366 8.66 20.14 14.89
N ALA A 367 8.51 18.85 15.21
CA ALA A 367 9.19 17.77 14.51
C ALA A 367 8.17 16.85 13.86
N VAL A 368 8.11 16.89 12.54
CA VAL A 368 7.06 16.22 11.78
C VAL A 368 7.70 15.04 11.10
N VAL A 369 7.30 13.86 11.54
CA VAL A 369 7.88 12.63 11.02
C VAL A 369 7.23 12.34 9.70
N SER A 370 8.02 11.84 8.77
CA SER A 370 7.65 11.83 7.38
C SER A 370 7.87 10.52 6.64
N HIS A 371 6.94 10.23 5.75
CA HIS A 371 7.12 9.18 4.78
C HIS A 371 8.11 9.54 3.68
N ARG A 372 8.39 8.57 2.83
CA ARG A 372 9.20 8.75 1.65
C ARG A 372 8.34 8.39 0.46
N SER A 373 8.86 8.57 -0.75
CA SER A 373 8.05 8.36 -1.95
C SER A 373 7.84 6.86 -2.12
N GLY A 374 8.89 6.10 -1.84
CA GLY A 374 8.83 4.65 -1.81
C GLY A 374 8.70 4.20 -0.38
N GLU A 375 7.51 3.70 -0.04
CA GLU A 375 7.22 3.27 1.31
C GLU A 375 7.00 1.78 1.35
N THR A 376 6.69 1.28 2.53
CA THR A 376 6.53 -0.13 2.77
C THR A 376 5.37 -0.33 3.74
N GLU A 377 5.12 -1.60 4.04
CA GLU A 377 4.13 -2.01 5.03
C GLU A 377 4.55 -1.70 6.49
N ASP A 378 5.79 -1.27 6.69
CA ASP A 378 6.28 -0.80 8.00
C ASP A 378 5.46 0.40 8.53
N THR A 379 5.09 0.38 9.81
CA THR A 379 4.32 1.43 10.43
C THR A 379 5.05 2.15 11.56
N THR A 380 6.35 1.99 11.62
CA THR A 380 7.15 2.52 12.70
C THR A 380 7.00 4.03 12.89
N ILE A 381 6.89 4.79 11.79
CA ILE A 381 6.81 6.26 11.92
C ILE A 381 5.56 6.71 12.68
N ALA A 382 4.52 5.88 12.70
CA ALA A 382 3.32 6.18 13.48
C ALA A 382 3.65 6.11 14.97
N ASP A 383 4.40 5.08 15.36
CA ASP A 383 4.84 4.92 16.74
C ASP A 383 5.84 5.99 17.17
N ILE A 384 6.68 6.43 16.25
CA ILE A 384 7.62 7.49 16.57
C ILE A 384 6.94 8.84 16.83
N ALA A 385 5.94 9.18 16.04
CA ALA A 385 5.19 10.41 16.30
C ALA A 385 4.56 10.44 17.68
N VAL A 386 4.00 9.30 18.11
CA VAL A 386 3.30 9.24 19.41
C VAL A 386 4.32 9.12 20.51
N ALA A 387 5.35 8.31 20.31
CA ALA A 387 6.43 8.18 21.28
C ALA A 387 6.97 9.55 21.73
N THR A 388 7.11 10.48 20.79
CA THR A 388 7.72 11.76 21.07
C THR A 388 6.70 12.85 21.34
N ASN A 389 5.42 12.48 21.44
CA ASN A 389 4.33 13.43 21.45
C ASN A 389 4.57 14.55 20.45
N ALA A 390 5.04 14.17 19.26
CA ALA A 390 5.39 15.11 18.18
C ALA A 390 4.25 16.07 17.82
N GLY A 391 3.04 15.55 17.73
CA GLY A 391 1.83 16.36 17.48
C GLY A 391 1.43 16.46 16.03
N GLN A 392 2.30 16.00 15.14
CA GLN A 392 2.06 16.04 13.70
C GLN A 392 2.75 14.89 13.02
N ILE A 393 2.22 14.48 11.88
CA ILE A 393 2.86 13.49 11.03
C ILE A 393 2.57 13.84 9.58
N LYS A 394 3.42 13.37 8.67
CA LYS A 394 3.19 13.53 7.25
C LYS A 394 3.41 12.18 6.60
N THR A 395 2.32 11.47 6.32
CA THR A 395 2.42 10.11 5.83
C THR A 395 1.50 9.76 4.64
N GLY A 396 1.00 10.79 3.96
CA GLY A 396 0.47 10.66 2.61
C GLY A 396 -1.01 10.92 2.48
N SER A 397 -1.53 10.63 1.29
CA SER A 397 -2.94 10.86 1.03
C SER A 397 -3.78 9.75 1.62
N LEU A 398 -5.01 9.64 1.15
CA LEU A 398 -6.00 8.75 1.75
C LEU A 398 -6.33 7.63 0.82
N SER A 399 -5.32 7.23 0.05
CA SER A 399 -5.35 5.98 -0.66
C SER A 399 -3.94 5.39 -0.72
N ARG A 400 -3.89 4.09 -1.00
CA ARG A 400 -2.67 3.27 -1.00
C ARG A 400 -2.29 2.86 0.42
N THR A 401 -2.08 1.56 0.58
CA THR A 401 -1.80 1.00 1.89
C THR A 401 -0.44 1.43 2.41
N ASP A 402 0.51 1.69 1.51
CA ASP A 402 1.80 2.27 1.92
C ASP A 402 1.60 3.56 2.73
N ARG A 403 0.47 4.20 2.56
CA ARG A 403 0.11 5.39 3.33
C ARG A 403 -0.88 5.02 4.44
N ILE A 404 -1.94 4.32 4.05
CA ILE A 404 -3.08 4.00 4.94
C ILE A 404 -2.66 3.13 6.14
N ALA A 405 -1.67 2.26 5.94
CA ALA A 405 -1.18 1.40 7.02
C ALA A 405 -0.66 2.19 8.23
N LYS A 406 -0.12 3.38 7.98
CA LYS A 406 0.31 4.26 9.05
C LYS A 406 -0.89 4.86 9.76
N TYR A 407 -1.86 5.32 8.98
CA TYR A 407 -3.10 5.80 9.56
C TYR A 407 -3.76 4.70 10.39
N ASN A 408 -3.81 3.48 9.86
CA ASN A 408 -4.36 2.34 10.63
C ASN A 408 -3.63 2.10 11.93
N GLN A 409 -2.32 2.22 11.91
CA GLN A 409 -1.53 2.01 13.12
C GLN A 409 -1.85 3.09 14.16
N LEU A 410 -2.05 4.31 13.69
CA LEU A 410 -2.48 5.39 14.56
C LEU A 410 -3.87 5.13 15.16
N LEU A 411 -4.78 4.57 14.36
CA LEU A 411 -6.07 4.16 14.90
C LEU A 411 -5.91 3.14 16.02
N ARG A 412 -5.06 2.13 15.80
CA ARG A 412 -4.74 1.12 16.85
C ARG A 412 -4.08 1.75 18.07
N ILE A 413 -3.18 2.68 17.84
CA ILE A 413 -2.55 3.36 18.97
C ILE A 413 -3.60 4.14 19.75
N GLU A 414 -4.45 4.89 19.08
CA GLU A 414 -5.46 5.68 19.78
C GLU A 414 -6.44 4.78 20.54
N ASP A 415 -6.87 3.73 19.87
CA ASP A 415 -7.74 2.73 20.46
C ASP A 415 -7.17 2.17 21.78
N GLU A 416 -5.94 1.69 21.70
CA GLU A 416 -5.25 1.07 22.82
C GLU A 416 -4.96 2.07 23.94
N LEU A 417 -4.68 3.31 23.58
CA LEU A 417 -4.49 4.35 24.57
C LEU A 417 -5.79 4.66 25.34
N PHE A 418 -6.93 4.51 24.66
CA PHE A 418 -8.24 4.65 25.29
C PHE A 418 -8.42 6.05 25.93
N GLU A 419 -8.73 6.15 27.21
CA GLU A 419 -8.98 7.45 27.87
C GLU A 419 -7.74 8.30 28.12
N THR A 420 -6.56 7.73 27.92
CA THR A 420 -5.30 8.47 28.08
C THR A 420 -4.87 9.17 26.80
N ALA A 421 -5.43 8.72 25.67
CA ALA A 421 -5.13 9.32 24.37
C ALA A 421 -5.45 10.79 24.38
N LYS A 422 -4.67 11.53 23.59
CA LYS A 422 -4.70 12.98 23.56
C LYS A 422 -4.59 13.37 22.10
N TYR A 423 -5.49 14.24 21.63
CA TYR A 423 -5.37 14.83 20.30
C TYR A 423 -5.60 16.35 20.42
N ASP A 424 -4.53 17.12 20.30
CA ASP A 424 -4.50 18.52 20.71
C ASP A 424 -5.08 19.48 19.68
N GLY A 425 -5.36 18.99 18.48
CA GLY A 425 -5.89 19.82 17.43
C GLY A 425 -4.97 20.98 17.12
N ILE A 426 -5.52 22.20 17.17
CA ILE A 426 -4.73 23.39 16.86
C ILE A 426 -3.61 23.61 17.86
N LYS A 427 -3.81 23.22 19.12
CA LYS A 427 -2.75 23.37 20.13
C LYS A 427 -1.51 22.48 19.87
N SER A 428 -1.61 21.53 18.95
CA SER A 428 -0.43 20.80 18.48
C SER A 428 0.63 21.76 17.91
N PHE A 429 0.22 22.90 17.37
CA PHE A 429 1.13 23.90 16.82
C PHE A 429 1.63 24.83 17.91
N TYR A 430 2.34 24.24 18.89
CA TYR A 430 2.94 25.00 20.00
C TYR A 430 4.06 25.91 19.51
N ASN A 431 4.51 25.72 18.28
CA ASN A 431 5.55 26.58 17.70
C ASN A 431 5.03 27.97 17.21
N LEU A 432 3.73 28.22 17.36
CA LEU A 432 3.06 29.38 16.77
C LEU A 432 2.44 30.26 17.84
N ASP A 433 2.70 31.57 17.79
CA ASP A 433 2.05 32.54 18.71
C ASP A 433 0.57 32.76 18.33
N LYS A 434 0.34 33.30 17.13
CA LYS A 434 -1.03 33.48 16.60
C LYS A 434 -1.48 32.29 15.74
N MET B 1 -4.97 -23.26 27.06
CA MET B 1 -3.77 -22.68 26.34
C MET B 1 -4.11 -22.29 24.89
N PRO B 2 -4.67 -23.22 24.09
CA PRO B 2 -5.17 -22.83 22.79
C PRO B 2 -6.61 -22.29 22.82
N ILE B 3 -7.23 -22.26 24.00
CA ILE B 3 -8.59 -21.75 24.12
C ILE B 3 -8.59 -20.24 23.88
N ILE B 4 -9.54 -19.79 23.08
CA ILE B 4 -9.62 -18.40 22.69
C ILE B 4 -10.17 -17.59 23.84
N THR B 5 -9.41 -16.60 24.32
CA THR B 5 -9.85 -15.75 25.43
C THR B 5 -10.27 -14.34 25.03
N ASP B 6 -9.95 -13.90 23.83
CA ASP B 6 -10.41 -12.60 23.37
C ASP B 6 -10.53 -12.55 21.85
N VAL B 7 -11.64 -11.98 21.40
CA VAL B 7 -11.92 -11.75 19.99
C VAL B 7 -12.37 -10.31 19.91
N TYR B 8 -11.65 -9.49 19.16
CA TYR B 8 -11.89 -8.04 19.20
C TYR B 8 -11.85 -7.42 17.82
N ALA B 9 -12.89 -6.69 17.47
CA ALA B 9 -12.94 -6.03 16.17
C ALA B 9 -12.86 -4.52 16.28
N ARG B 10 -12.53 -3.91 15.16
CA ARG B 10 -12.15 -2.52 15.11
C ARG B 10 -12.36 -2.05 13.69
N GLU B 11 -12.79 -0.80 13.53
CA GLU B 11 -12.91 -0.17 12.22
C GLU B 11 -11.55 0.43 11.76
N VAL B 12 -11.08 0.02 10.59
CA VAL B 12 -9.85 0.57 9.99
C VAL B 12 -10.16 0.93 8.55
N LEU B 13 -9.13 1.29 7.79
CA LEU B 13 -9.26 1.70 6.40
C LEU B 13 -8.57 0.77 5.44
N ASP B 14 -9.17 0.65 4.27
CA ASP B 14 -8.65 -0.14 3.17
C ASP B 14 -7.85 0.77 2.20
N SER B 15 -7.33 0.18 1.12
CA SER B 15 -6.39 0.90 0.25
C SER B 15 -7.04 1.96 -0.62
N ARG B 16 -8.36 1.96 -0.65
CA ARG B 16 -9.14 3.00 -1.30
C ARG B 16 -9.63 4.09 -0.33
N GLY B 17 -9.26 4.01 0.94
CA GLY B 17 -9.70 5.00 1.91
C GLY B 17 -11.11 4.82 2.42
N ASN B 18 -11.65 3.60 2.32
CA ASN B 18 -12.99 3.27 2.83
C ASN B 18 -12.88 2.32 4.03
N PRO B 19 -13.88 2.37 4.95
CA PRO B 19 -13.76 1.55 6.16
C PRO B 19 -13.77 0.07 5.86
N THR B 20 -13.00 -0.70 6.61
CA THR B 20 -13.12 -2.14 6.60
C THR B 20 -12.89 -2.66 8.02
N VAL B 21 -13.06 -3.97 8.17
CA VAL B 21 -12.97 -4.61 9.47
C VAL B 21 -11.59 -5.20 9.72
N GLU B 22 -11.13 -5.00 10.96
CA GLU B 22 -9.95 -5.65 11.48
C GLU B 22 -10.34 -6.46 12.69
N VAL B 23 -9.86 -7.70 12.76
CA VAL B 23 -10.17 -8.55 13.91
C VAL B 23 -8.90 -9.09 14.53
N GLU B 24 -8.87 -9.08 15.86
CA GLU B 24 -7.74 -9.60 16.62
C GLU B 24 -8.18 -10.71 17.57
N VAL B 25 -7.42 -11.81 17.59
CA VAL B 25 -7.75 -12.97 18.41
C VAL B 25 -6.58 -13.29 19.34
N LEU B 26 -6.90 -13.57 20.59
CA LEU B 26 -5.90 -13.97 21.57
C LEU B 26 -6.32 -15.28 22.24
N THR B 27 -5.31 -16.09 22.56
CA THR B 27 -5.52 -17.29 23.35
C THR B 27 -5.00 -17.09 24.75
N GLU B 28 -5.38 -18.02 25.61
CA GLU B 28 -5.04 -18.00 27.01
C GLU B 28 -3.55 -17.83 27.21
N SER B 29 -2.77 -18.46 26.33
CA SER B 29 -1.32 -18.47 26.44
C SER B 29 -0.61 -17.32 25.74
N GLY B 30 -1.37 -16.38 25.16
CA GLY B 30 -0.79 -15.20 24.52
C GLY B 30 -0.55 -15.28 23.00
N ALA B 31 -0.98 -16.34 22.36
CA ALA B 31 -0.89 -16.43 20.90
C ALA B 31 -1.89 -15.43 20.29
N PHE B 32 -1.51 -14.87 19.15
CA PHE B 32 -2.13 -13.66 18.62
C PHE B 32 -2.33 -13.76 17.12
N GLY B 33 -3.51 -13.32 16.66
CA GLY B 33 -3.78 -13.22 15.23
C GLY B 33 -4.53 -11.95 14.88
N ARG B 34 -4.13 -11.33 13.76
CA ARG B 34 -4.80 -10.18 13.24
C ARG B 34 -5.15 -10.39 11.78
N ALA B 35 -6.40 -10.08 11.43
CA ALA B 35 -6.85 -10.14 10.08
C ALA B 35 -7.42 -8.80 9.69
N LEU B 36 -7.25 -8.42 8.43
CA LEU B 36 -8.04 -7.31 7.86
C LEU B 36 -8.81 -7.82 6.68
N VAL B 37 -10.02 -7.30 6.50
CA VAL B 37 -10.92 -7.79 5.46
C VAL B 37 -10.80 -6.90 4.23
N PRO B 38 -10.60 -7.49 3.05
CA PRO B 38 -10.64 -6.70 1.82
C PRO B 38 -12.07 -6.26 1.41
N SER B 39 -12.15 -5.24 0.56
CA SER B 39 -13.42 -4.66 0.06
C SER B 39 -14.25 -5.72 -0.60
N GLY B 40 -15.57 -5.64 -0.45
CA GLY B 40 -16.47 -6.68 -0.97
C GLY B 40 -17.65 -6.22 -1.80
N ALA B 41 -18.86 -6.60 -1.34
CA ALA B 41 -20.12 -6.28 -2.01
C ALA B 41 -21.29 -6.23 -1.00
N SER B 42 -21.91 -5.05 -0.87
CA SER B 42 -23.03 -4.84 0.05
C SER B 42 -24.37 -5.14 -0.64
N GLU B 45 -26.05 -11.20 -6.26
CA GLU B 45 -26.60 -12.41 -5.64
C GLU B 45 -25.64 -13.62 -5.73
N HIS B 46 -25.95 -14.67 -4.96
CA HIS B 46 -25.12 -15.90 -4.87
C HIS B 46 -23.74 -15.69 -4.27
N GLU B 47 -23.61 -14.60 -3.52
CA GLU B 47 -22.34 -14.07 -3.08
C GLU B 47 -22.50 -13.83 -1.59
N ALA B 48 -21.47 -14.04 -0.80
CA ALA B 48 -21.50 -13.59 0.61
C ALA B 48 -21.44 -12.07 0.61
N VAL B 49 -22.29 -11.42 1.41
CA VAL B 49 -22.37 -9.97 1.38
C VAL B 49 -21.78 -9.35 2.64
N GLU B 50 -21.13 -8.22 2.45
CA GLU B 50 -20.56 -7.49 3.55
C GLU B 50 -21.60 -6.53 4.10
N LEU B 51 -21.50 -6.23 5.38
CA LEU B 51 -22.38 -5.29 6.05
C LEU B 51 -21.79 -3.87 6.11
N ARG B 52 -22.52 -2.92 5.51
CA ARG B 52 -22.21 -1.49 5.57
C ARG B 52 -23.24 -0.75 6.39
N ASP B 53 -22.82 0.30 7.08
CA ASP B 53 -23.69 1.04 7.99
C ASP B 53 -24.83 1.79 7.30
N GLY B 54 -24.57 2.39 6.13
CA GLY B 54 -25.56 3.23 5.43
C GLY B 54 -25.82 4.60 6.07
N ASP B 55 -24.96 5.03 7.00
CA ASP B 55 -25.08 6.33 7.67
C ASP B 55 -24.43 7.41 6.78
N LYS B 56 -25.26 8.18 6.08
CA LYS B 56 -24.77 9.17 5.11
C LYS B 56 -23.81 10.19 5.73
N SER B 57 -23.92 10.41 7.04
CA SER B 57 -23.02 11.32 7.76
C SER B 57 -21.65 10.72 8.17
N ARG B 58 -21.41 9.43 7.91
CA ARG B 58 -20.12 8.82 8.28
C ARG B 58 -19.58 8.11 7.09
N TYR B 59 -18.40 8.51 6.64
CA TYR B 59 -17.71 7.77 5.60
C TYR B 59 -18.60 7.55 4.39
N LEU B 60 -19.50 8.49 4.14
CA LEU B 60 -20.37 8.44 2.97
C LEU B 60 -21.20 7.17 2.93
N GLY B 61 -21.64 6.71 4.10
CA GLY B 61 -22.45 5.50 4.20
C GLY B 61 -21.70 4.17 4.21
N LYS B 62 -20.37 4.22 4.25
CA LYS B 62 -19.57 2.99 4.10
C LYS B 62 -18.94 2.51 5.40
N GLY B 63 -19.34 3.08 6.52
CA GLY B 63 -18.84 2.66 7.81
C GLY B 63 -19.16 1.21 8.07
N VAL B 64 -18.39 0.58 8.96
CA VAL B 64 -18.61 -0.82 9.29
C VAL B 64 -18.78 -1.02 10.80
N THR B 65 -19.29 0.01 11.49
CA THR B 65 -19.48 -0.09 12.93
C THR B 65 -20.43 -1.21 13.32
N LYS B 66 -21.45 -1.50 12.50
CA LYS B 66 -22.39 -2.58 12.83
C LYS B 66 -21.70 -3.94 12.70
N ALA B 67 -20.90 -4.11 11.64
CA ALA B 67 -20.11 -5.34 11.48
C ALA B 67 -19.14 -5.55 12.65
N VAL B 68 -18.44 -4.47 13.01
CA VAL B 68 -17.50 -4.51 14.14
C VAL B 68 -18.23 -4.89 15.41
N GLU B 69 -19.39 -4.28 15.61
CA GLU B 69 -20.28 -4.57 16.74
C GLU B 69 -20.80 -6.04 16.73
N ASN B 70 -21.13 -6.57 15.56
CA ASN B 70 -21.51 -7.98 15.47
C ASN B 70 -20.40 -8.93 15.93
N VAL B 71 -19.15 -8.60 15.61
CA VAL B 71 -18.05 -9.39 16.14
C VAL B 71 -17.98 -9.28 17.65
N ASN B 72 -17.90 -8.05 18.13
CA ASN B 72 -17.65 -7.81 19.57
C ASN B 72 -18.83 -8.17 20.49
N GLU B 73 -20.06 -7.96 20.04
CA GLU B 73 -21.23 -8.20 20.89
C GLU B 73 -21.94 -9.53 20.65
N ILE B 74 -21.73 -10.14 19.49
CA ILE B 74 -22.40 -11.38 19.13
C ILE B 74 -21.41 -12.53 18.89
N ILE B 75 -20.51 -12.39 17.93
CA ILE B 75 -19.61 -13.52 17.61
C ILE B 75 -18.62 -13.81 18.73
N ALA B 76 -17.91 -12.79 19.22
CA ALA B 76 -16.92 -12.99 20.30
C ALA B 76 -17.46 -13.76 21.52
N PRO B 77 -18.60 -13.31 22.10
CA PRO B 77 -19.11 -14.04 23.28
C PRO B 77 -19.46 -15.52 23.01
N GLU B 78 -19.93 -15.83 21.82
CA GLU B 78 -20.18 -17.22 21.45
C GLU B 78 -18.89 -18.04 21.48
N ILE B 79 -17.82 -17.49 20.90
CA ILE B 79 -16.51 -18.15 20.90
C ILE B 79 -15.98 -18.29 22.31
N ILE B 80 -16.08 -17.20 23.06
CA ILE B 80 -15.46 -17.13 24.38
C ILE B 80 -16.22 -18.05 25.34
N GLU B 81 -17.55 -17.93 25.38
CA GLU B 81 -18.39 -18.77 26.23
C GLU B 81 -18.34 -20.24 25.81
N GLY B 82 -18.15 -20.47 24.52
CA GLY B 82 -18.04 -21.83 23.98
C GLY B 82 -16.70 -22.51 24.29
N GLU B 83 -15.69 -21.74 24.72
CA GLU B 83 -14.37 -22.30 24.99
C GLU B 83 -13.82 -23.09 23.78
N PHE B 84 -13.91 -22.49 22.61
CA PHE B 84 -13.36 -23.10 21.42
C PHE B 84 -11.84 -23.02 21.48
N SER B 85 -11.19 -24.10 21.08
CA SER B 85 -9.77 -24.04 20.85
C SER B 85 -9.49 -23.24 19.56
N VAL B 86 -8.39 -22.49 19.56
CA VAL B 86 -7.97 -21.77 18.37
C VAL B 86 -7.66 -22.68 17.18
N LEU B 87 -7.35 -23.95 17.44
CA LEU B 87 -7.05 -24.95 16.40
C LEU B 87 -8.28 -25.56 15.73
N ASP B 88 -9.48 -25.29 16.24
CA ASP B 88 -10.68 -25.91 15.71
C ASP B 88 -11.30 -25.00 14.64
N GLN B 89 -10.54 -24.80 13.57
CA GLN B 89 -10.92 -23.81 12.56
C GLN B 89 -12.26 -24.12 11.93
N VAL B 90 -12.50 -25.39 11.65
CA VAL B 90 -13.68 -25.78 10.92
C VAL B 90 -14.94 -25.70 11.78
N SER B 91 -14.84 -26.03 13.06
CA SER B 91 -16.02 -25.91 13.94
C SER B 91 -16.37 -24.46 14.23
N ILE B 92 -15.35 -23.61 14.32
CA ILE B 92 -15.57 -22.18 14.52
C ILE B 92 -16.25 -21.54 13.29
N ASP B 93 -15.75 -21.86 12.10
CA ASP B 93 -16.35 -21.33 10.89
C ASP B 93 -17.78 -21.82 10.75
N LYS B 94 -17.95 -23.13 10.92
CA LYS B 94 -19.28 -23.75 10.87
C LYS B 94 -20.23 -23.06 11.85
N MET B 95 -19.76 -22.85 13.07
CA MET B 95 -20.59 -22.24 14.09
C MET B 95 -21.03 -20.83 13.68
N MET B 96 -20.14 -20.08 13.03
CA MET B 96 -20.46 -18.72 12.58
C MET B 96 -21.49 -18.71 11.47
N ILE B 97 -21.35 -19.63 10.53
CA ILE B 97 -22.32 -19.81 9.47
C ILE B 97 -23.71 -20.07 10.08
N ALA B 98 -23.77 -20.95 11.07
CA ALA B 98 -25.04 -21.26 11.73
C ALA B 98 -25.55 -20.08 12.57
N LEU B 99 -24.63 -19.36 13.20
CA LEU B 99 -25.01 -18.21 13.99
C LEU B 99 -25.65 -17.13 13.12
N ASP B 100 -25.11 -16.92 11.93
CA ASP B 100 -25.70 -15.96 11.00
C ASP B 100 -27.03 -16.48 10.46
N GLY B 101 -27.05 -17.75 10.03
CA GLY B 101 -28.30 -18.42 9.65
C GLY B 101 -28.74 -18.27 8.22
N THR B 102 -28.34 -17.20 7.54
CA THR B 102 -28.69 -16.99 6.13
C THR B 102 -27.52 -17.39 5.25
N PRO B 103 -27.79 -17.91 4.04
CA PRO B 103 -26.73 -18.37 3.10
C PRO B 103 -25.83 -17.22 2.60
N ASN B 104 -26.43 -16.04 2.52
CA ASN B 104 -25.80 -14.75 2.26
C ASN B 104 -24.65 -14.32 3.19
N LYS B 105 -24.68 -14.82 4.43
CA LYS B 105 -23.95 -14.23 5.55
C LYS B 105 -24.35 -12.77 5.84
N GLY B 106 -25.58 -12.42 5.52
CA GLY B 106 -26.05 -11.05 5.52
C GLY B 106 -26.53 -10.46 6.84
N LYS B 107 -26.75 -11.29 7.85
CA LYS B 107 -27.23 -10.78 9.14
C LYS B 107 -26.05 -10.24 9.97
N LEU B 108 -24.98 -11.03 10.08
CA LEU B 108 -23.75 -10.61 10.77
C LEU B 108 -22.78 -9.89 9.83
N GLY B 109 -22.77 -10.29 8.57
CA GLY B 109 -21.88 -9.69 7.59
C GLY B 109 -20.71 -10.61 7.30
N ALA B 110 -20.50 -10.87 6.02
CA ALA B 110 -19.37 -11.65 5.54
C ALA B 110 -18.07 -11.09 6.07
N ASN B 111 -18.01 -9.78 6.20
CA ASN B 111 -16.84 -9.10 6.68
C ASN B 111 -16.61 -9.30 8.20
N ALA B 112 -17.69 -9.36 8.99
CA ALA B 112 -17.53 -9.73 10.41
C ALA B 112 -17.00 -11.16 10.53
N ILE B 113 -17.68 -12.08 9.84
CA ILE B 113 -17.33 -13.50 9.89
C ILE B 113 -15.91 -13.80 9.39
N LEU B 114 -15.55 -13.31 8.20
CA LEU B 114 -14.24 -13.58 7.63
C LEU B 114 -13.10 -13.04 8.48
N GLY B 115 -13.28 -11.85 9.01
CA GLY B 115 -12.32 -11.30 9.96
C GLY B 115 -11.96 -12.26 11.06
N VAL B 116 -12.97 -12.87 11.66
CA VAL B 116 -12.76 -13.81 12.76
C VAL B 116 -12.08 -15.04 12.25
N SER B 117 -12.56 -15.54 11.11
CA SER B 117 -12.07 -16.77 10.53
C SER B 117 -10.58 -16.70 10.25
N ILE B 118 -10.13 -15.60 9.67
CA ILE B 118 -8.72 -15.46 9.32
C ILE B 118 -7.90 -15.23 10.58
N ALA B 119 -8.36 -14.36 11.46
CA ALA B 119 -7.61 -14.05 12.67
C ALA B 119 -7.43 -15.29 13.56
N VAL B 120 -8.46 -16.12 13.66
CA VAL B 120 -8.33 -17.41 14.34
C VAL B 120 -7.22 -18.31 13.75
N ALA B 121 -7.15 -18.41 12.43
CA ALA B 121 -6.11 -19.22 11.79
C ALA B 121 -4.73 -18.65 12.06
N ARG B 122 -4.61 -17.34 12.02
CA ARG B 122 -3.30 -16.72 12.19
C ARG B 122 -2.80 -16.92 13.60
N ALA B 123 -3.73 -16.84 14.54
CA ALA B 123 -3.44 -17.09 15.93
C ALA B 123 -3.05 -18.56 16.19
N ALA B 124 -3.69 -19.47 15.49
CA ALA B 124 -3.32 -20.89 15.57
C ALA B 124 -1.90 -21.10 15.07
N ALA B 125 -1.56 -20.45 13.97
CA ALA B 125 -0.23 -20.57 13.40
C ALA B 125 0.79 -20.01 14.38
N ASP B 126 0.47 -18.87 14.97
CA ASP B 126 1.29 -18.25 16.01
C ASP B 126 1.51 -19.15 17.23
N LEU B 127 0.45 -19.79 17.71
CA LEU B 127 0.54 -20.71 18.84
C LEU B 127 1.48 -21.87 18.57
N LEU B 128 1.36 -22.44 17.38
CA LEU B 128 2.11 -23.63 17.00
C LEU B 128 3.53 -23.35 16.53
N GLY B 129 3.87 -22.07 16.34
CA GLY B 129 5.20 -21.74 15.82
C GLY B 129 5.37 -22.15 14.36
N GLN B 130 4.28 -22.27 13.64
CA GLN B 130 4.32 -22.69 12.26
C GLN B 130 4.12 -21.54 11.33
N PRO B 131 4.81 -21.56 10.19
CA PRO B 131 4.35 -20.61 9.17
C PRO B 131 2.90 -20.93 8.78
N LEU B 132 2.15 -19.88 8.50
CA LEU B 132 0.75 -19.97 8.28
C LEU B 132 0.43 -20.92 7.11
N TYR B 133 1.20 -20.81 6.02
CA TYR B 133 1.00 -21.71 4.86
C TYR B 133 1.11 -23.18 5.22
N LYS B 134 1.93 -23.49 6.23
CA LYS B 134 2.08 -24.87 6.69
C LYS B 134 1.00 -25.30 7.65
N TYR B 135 0.51 -24.37 8.47
CA TYR B 135 -0.63 -24.66 9.34
C TYR B 135 -1.88 -24.88 8.49
N LEU B 136 -2.08 -24.03 7.48
CA LEU B 136 -3.24 -24.13 6.60
C LEU B 136 -3.18 -25.34 5.65
N GLY B 137 -1.98 -25.64 5.14
CA GLY B 137 -1.85 -26.63 4.06
C GLY B 137 -1.23 -27.96 4.40
N GLY B 138 -0.67 -28.10 5.60
CA GLY B 138 0.06 -29.30 5.97
C GLY B 138 1.53 -29.16 5.58
N PHE B 139 2.32 -30.18 5.87
CA PHE B 139 3.77 -30.09 5.70
C PHE B 139 4.19 -29.84 4.25
N ASN B 140 3.34 -30.11 3.28
CA ASN B 140 3.78 -30.10 1.88
C ASN B 140 3.47 -28.83 1.09
N GLY B 141 2.94 -27.82 1.78
CA GLY B 141 2.74 -26.52 1.17
C GLY B 141 4.09 -25.90 0.89
N LYS B 142 4.47 -25.89 -0.39
CA LYS B 142 5.80 -25.47 -0.81
C LYS B 142 5.86 -24.87 -2.21
N GLN B 143 4.73 -24.80 -2.91
CA GLN B 143 4.71 -24.33 -4.29
C GLN B 143 4.32 -22.85 -4.41
N LEU B 144 5.27 -22.06 -4.93
CA LEU B 144 5.08 -20.64 -5.09
C LEU B 144 4.28 -20.39 -6.37
N PRO B 145 3.40 -19.41 -6.33
CA PRO B 145 2.54 -19.19 -7.49
C PRO B 145 3.19 -18.38 -8.58
N VAL B 146 2.87 -18.70 -9.82
CA VAL B 146 3.10 -17.77 -10.92
C VAL B 146 2.15 -16.59 -10.71
N PRO B 147 2.69 -15.34 -10.71
CA PRO B 147 1.78 -14.21 -10.48
C PRO B 147 1.16 -13.63 -11.75
N MET B 148 -0.13 -13.37 -11.70
CA MET B 148 -0.86 -12.66 -12.74
C MET B 148 -0.71 -11.19 -12.43
N MET B 149 0.17 -10.49 -13.14
CA MET B 149 0.45 -9.12 -12.79
C MET B 149 -0.28 -8.13 -13.68
N ASN B 150 -1.33 -7.53 -13.12
CA ASN B 150 -2.01 -6.42 -13.75
C ASN B 150 -0.99 -5.34 -14.15
N ILE B 151 -1.16 -4.80 -15.37
CA ILE B 151 -0.27 -3.77 -15.90
C ILE B 151 -1.04 -2.65 -16.63
N VAL B 152 -2.07 -3.00 -17.40
CA VAL B 152 -2.90 -2.00 -18.04
C VAL B 152 -4.37 -2.26 -17.77
N ASN B 153 -5.12 -1.18 -17.56
CA ASN B 153 -6.56 -1.26 -17.36
C ASN B 153 -7.38 -0.59 -18.47
N GLY B 154 -8.56 -1.16 -18.71
CA GLY B 154 -9.47 -0.70 -19.74
C GLY B 154 -10.90 -0.76 -19.22
N GLY B 155 -11.85 -0.91 -20.14
CA GLY B 155 -13.26 -0.99 -19.77
C GLY B 155 -13.66 0.16 -18.88
N SER B 156 -14.47 -0.12 -17.86
CA SER B 156 -14.92 0.93 -16.95
C SER B 156 -13.82 1.48 -16.02
N HIS B 157 -12.63 0.89 -16.04
CA HIS B 157 -11.48 1.44 -15.27
C HIS B 157 -10.56 2.35 -16.12
N SER B 158 -11.03 2.78 -17.30
CA SER B 158 -10.25 3.64 -18.20
C SER B 158 -11.15 4.53 -19.05
N ASP B 159 -10.64 5.70 -19.41
CA ASP B 159 -11.32 6.59 -20.36
C ASP B 159 -10.98 6.20 -21.81
N ALA B 160 -10.05 5.27 -21.98
CA ALA B 160 -9.60 4.84 -23.31
C ALA B 160 -10.58 3.88 -24.00
N PRO B 161 -10.58 3.85 -25.34
CA PRO B 161 -11.52 3.01 -26.08
C PRO B 161 -11.13 1.53 -26.13
N ILE B 162 -11.17 0.89 -24.96
CA ILE B 162 -10.82 -0.52 -24.82
C ILE B 162 -11.92 -1.17 -24.00
N ALA B 163 -12.33 -2.36 -24.41
CA ALA B 163 -13.44 -3.03 -23.74
C ALA B 163 -12.95 -3.84 -22.54
N PHE B 164 -11.91 -4.64 -22.75
CA PHE B 164 -11.42 -5.51 -21.68
C PHE B 164 -10.98 -4.66 -20.49
N GLN B 165 -11.20 -5.17 -19.30
CA GLN B 165 -10.93 -4.41 -18.08
C GLN B 165 -9.45 -4.44 -17.65
N GLU B 166 -8.78 -5.59 -17.77
CA GLU B 166 -7.40 -5.72 -17.31
C GLU B 166 -6.52 -6.39 -18.34
N PHE B 167 -5.26 -5.95 -18.40
CA PHE B 167 -4.22 -6.64 -19.16
C PHE B 167 -3.11 -7.01 -18.21
N MET B 168 -2.64 -8.24 -18.32
CA MET B 168 -1.74 -8.81 -17.37
C MET B 168 -0.53 -9.40 -18.02
N ILE B 169 0.57 -9.45 -17.28
CA ILE B 169 1.73 -10.24 -17.67
C ILE B 169 1.90 -11.40 -16.71
N LEU B 170 2.43 -12.51 -17.22
CA LEU B 170 2.71 -13.67 -16.40
C LEU B 170 4.13 -14.12 -16.68
N PRO B 171 5.03 -13.99 -15.69
CA PRO B 171 6.41 -14.40 -15.88
C PRO B 171 6.61 -15.89 -15.61
N VAL B 172 6.03 -16.71 -16.47
CA VAL B 172 6.01 -18.15 -16.26
C VAL B 172 7.40 -18.75 -16.41
N GLY B 173 8.22 -18.17 -17.28
CA GLY B 173 9.51 -18.77 -17.62
C GLY B 173 10.59 -18.63 -16.57
N ALA B 174 10.34 -17.85 -15.53
CA ALA B 174 11.31 -17.70 -14.45
C ALA B 174 11.58 -19.02 -13.71
N THR B 175 12.77 -19.12 -13.12
CA THR B 175 13.24 -20.27 -12.32
C THR B 175 12.68 -20.29 -10.89
N THR B 176 12.52 -19.09 -10.33
CA THR B 176 12.06 -18.92 -8.97
C THR B 176 10.98 -17.84 -8.96
N PHE B 177 10.20 -17.80 -7.88
CA PHE B 177 9.27 -16.69 -7.68
C PHE B 177 10.00 -15.34 -7.56
N LYS B 178 11.10 -15.35 -6.82
CA LYS B 178 11.94 -14.16 -6.68
C LYS B 178 12.34 -13.56 -8.04
N GLU B 179 12.81 -14.40 -8.95
CA GLU B 179 13.21 -13.94 -10.28
C GLU B 179 12.00 -13.41 -11.05
N SER B 180 10.88 -14.12 -10.93
CA SER B 180 9.68 -13.76 -11.67
C SER B 180 9.15 -12.42 -11.21
N LEU B 181 9.30 -12.13 -9.93
CA LEU B 181 8.86 -10.83 -9.39
C LEU B 181 9.74 -9.71 -9.90
N ARG B 182 11.06 -9.95 -9.91
CA ARG B 182 12.01 -9.03 -10.53
C ARG B 182 11.58 -8.64 -11.95
N TRP B 183 11.31 -9.63 -12.78
CA TRP B 183 10.92 -9.39 -14.18
C TRP B 183 9.68 -8.50 -14.25
N GLY B 184 8.66 -8.89 -13.51
CA GLY B 184 7.46 -8.07 -13.38
C GLY B 184 7.81 -6.61 -13.21
N THR B 185 8.68 -6.30 -12.24
CA THR B 185 8.99 -4.89 -11.94
C THR B 185 9.76 -4.20 -13.08
N GLU B 186 10.67 -4.94 -13.71
CA GLU B 186 11.49 -4.39 -14.79
C GLU B 186 10.64 -4.10 -16.02
N ILE B 187 9.70 -4.99 -16.31
CA ILE B 187 8.81 -4.80 -17.43
C ILE B 187 7.92 -3.59 -17.17
N PHE B 188 7.45 -3.51 -15.94
CA PHE B 188 6.52 -2.48 -15.52
C PHE B 188 7.18 -1.12 -15.61
N HIS B 189 8.42 -1.01 -15.13
CA HIS B 189 9.15 0.26 -15.18
C HIS B 189 9.55 0.68 -16.59
N ASN B 190 9.84 -0.31 -17.45
CA ASN B 190 10.07 -0.04 -18.87
C ASN B 190 8.84 0.48 -19.59
N LEU B 191 7.70 -0.13 -19.27
CA LEU B 191 6.43 0.33 -19.79
C LEU B 191 6.16 1.78 -19.37
N LYS B 192 6.44 2.08 -18.11
CA LYS B 192 6.20 3.41 -17.56
C LYS B 192 6.91 4.48 -18.38
N SER B 193 8.17 4.25 -18.71
CA SER B 193 8.97 5.26 -19.39
C SER B 193 8.58 5.33 -20.90
N ILE B 194 8.18 4.20 -21.47
CA ILE B 194 7.59 4.22 -22.83
C ILE B 194 6.32 5.04 -22.90
N LEU B 195 5.49 4.96 -21.86
CA LEU B 195 4.28 5.75 -21.80
C LEU B 195 4.56 7.25 -21.67
N SER B 196 5.51 7.62 -20.80
CA SER B 196 5.82 9.03 -20.59
C SER B 196 6.54 9.61 -21.82
N LYS B 197 7.27 8.77 -22.56
CA LYS B 197 7.91 9.20 -23.81
C LYS B 197 6.89 9.40 -24.94
N ARG B 198 5.71 8.79 -24.82
CA ARG B 198 4.60 8.99 -25.75
C ARG B 198 3.61 10.04 -25.24
N GLY B 199 3.93 10.70 -24.15
CA GLY B 199 3.01 11.68 -23.56
C GLY B 199 1.75 11.12 -22.92
N LEU B 200 1.74 9.82 -22.61
CA LEU B 200 0.57 9.16 -22.03
C LEU B 200 0.63 9.15 -20.50
N GLU B 201 -0.53 8.95 -19.88
CA GLU B 201 -0.68 9.06 -18.43
C GLU B 201 0.01 7.92 -17.67
N THR B 202 0.59 8.29 -16.53
CA THR B 202 1.50 7.44 -15.76
C THR B 202 1.02 7.17 -14.31
N ALA B 203 0.13 8.03 -13.81
CA ALA B 203 -0.56 7.78 -12.53
C ALA B 203 -1.26 6.42 -12.54
N VAL B 204 -1.44 5.82 -11.37
CA VAL B 204 -1.96 4.45 -11.29
C VAL B 204 -3.37 4.40 -10.70
N GLY B 205 -4.09 3.33 -11.00
CA GLY B 205 -5.41 3.04 -10.42
C GLY B 205 -5.37 2.19 -9.16
N ASP B 206 -6.51 1.57 -8.83
CA ASP B 206 -6.67 0.83 -7.57
C ASP B 206 -5.66 -0.30 -7.39
N GLU B 207 -5.41 -1.02 -8.47
CA GLU B 207 -4.55 -2.20 -8.45
C GLU B 207 -3.09 -1.85 -8.78
N GLY B 208 -2.76 -0.57 -8.79
CA GLY B 208 -1.39 -0.13 -9.01
C GLY B 208 -0.89 -0.16 -10.44
N GLY B 209 -1.81 -0.34 -11.40
CA GLY B 209 -1.45 -0.36 -12.81
C GLY B 209 -1.83 0.93 -13.51
N PHE B 210 -1.61 0.94 -14.83
CA PHE B 210 -1.84 2.12 -15.66
C PHE B 210 -3.18 2.04 -16.40
N ALA B 211 -3.75 3.22 -16.67
CA ALA B 211 -4.91 3.37 -17.55
C ALA B 211 -4.62 4.37 -18.70
N PRO B 212 -3.67 4.04 -19.57
CA PRO B 212 -3.27 5.05 -20.55
C PRO B 212 -4.26 5.16 -21.70
N LYS B 213 -4.41 6.36 -22.26
CA LYS B 213 -5.28 6.55 -23.43
C LYS B 213 -4.64 5.98 -24.67
N PHE B 214 -4.69 4.65 -24.79
CA PHE B 214 -4.29 3.96 -26.01
C PHE B 214 -5.34 4.16 -27.10
N GLU B 215 -4.94 3.86 -28.34
CA GLU B 215 -5.84 4.01 -29.48
C GLU B 215 -6.84 2.84 -29.55
N GLY B 216 -6.44 1.69 -29.04
CA GLY B 216 -7.31 0.51 -29.05
C GLY B 216 -6.68 -0.68 -28.37
N THR B 217 -7.39 -1.80 -28.41
CA THR B 217 -6.95 -3.01 -27.72
C THR B 217 -5.62 -3.49 -28.31
N GLU B 218 -5.46 -3.39 -29.63
CA GLU B 218 -4.21 -3.83 -30.25
C GLU B 218 -3.03 -2.93 -29.88
N ASP B 219 -3.29 -1.65 -29.68
CA ASP B 219 -2.26 -0.70 -29.22
C ASP B 219 -1.77 -1.10 -27.80
N ALA B 220 -2.70 -1.25 -26.86
CA ALA B 220 -2.38 -1.70 -25.51
C ALA B 220 -1.50 -2.94 -25.48
N VAL B 221 -1.98 -4.02 -26.08
CA VAL B 221 -1.27 -5.29 -26.12
C VAL B 221 0.11 -5.14 -26.73
N GLU B 222 0.18 -4.49 -27.89
CA GLU B 222 1.43 -4.39 -28.65
C GLU B 222 2.47 -3.59 -27.85
N THR B 223 2.00 -2.62 -27.08
CA THR B 223 2.86 -1.81 -26.23
C THR B 223 3.33 -2.58 -24.98
N ILE B 224 2.45 -3.41 -24.40
CA ILE B 224 2.88 -4.29 -23.33
C ILE B 224 4.02 -5.18 -23.83
N ILE B 225 3.87 -5.76 -25.03
CA ILE B 225 4.85 -6.68 -25.63
C ILE B 225 6.19 -5.98 -25.80
N GLN B 226 6.13 -4.76 -26.28
CA GLN B 226 7.32 -3.94 -26.46
C GLN B 226 8.05 -3.65 -25.14
N ALA B 227 7.30 -3.39 -24.06
CA ALA B 227 7.91 -3.22 -22.73
C ALA B 227 8.57 -4.52 -22.27
N ILE B 228 7.95 -5.65 -22.57
CA ILE B 228 8.54 -6.95 -22.24
C ILE B 228 9.87 -7.15 -22.96
N GLU B 229 9.92 -6.72 -24.23
CA GLU B 229 11.11 -6.91 -25.05
C GLU B 229 12.18 -5.87 -24.73
N ALA B 230 11.74 -4.66 -24.44
CA ALA B 230 12.66 -3.61 -23.99
C ALA B 230 13.38 -3.96 -22.67
N ALA B 231 12.81 -4.87 -21.88
CA ALA B 231 13.42 -5.36 -20.63
C ALA B 231 14.28 -6.62 -20.85
N GLY B 232 14.25 -7.17 -22.06
CA GLY B 232 15.15 -8.25 -22.46
C GLY B 232 14.57 -9.62 -22.21
N TYR B 233 13.24 -9.74 -22.29
CA TYR B 233 12.59 -11.02 -22.05
C TYR B 233 11.77 -11.36 -23.29
N LYS B 234 11.59 -12.66 -23.50
CA LYS B 234 10.95 -13.19 -24.70
C LYS B 234 9.45 -13.42 -24.44
N PRO B 235 8.58 -12.68 -25.16
CA PRO B 235 7.13 -12.78 -25.03
C PRO B 235 6.50 -14.15 -25.26
N GLY B 236 7.12 -15.00 -26.06
CA GLY B 236 6.54 -16.31 -26.33
C GLY B 236 6.76 -17.36 -25.25
N GLU B 237 7.84 -17.24 -24.49
CA GLU B 237 8.34 -18.33 -23.62
C GLU B 237 8.55 -17.92 -22.15
N GLU B 238 9.21 -16.79 -21.94
CA GLU B 238 9.51 -16.30 -20.61
C GLU B 238 8.30 -15.60 -19.96
N VAL B 239 7.62 -14.77 -20.75
CA VAL B 239 6.52 -13.94 -20.26
C VAL B 239 5.32 -14.03 -21.18
N PHE B 240 4.18 -14.45 -20.65
CA PHE B 240 2.96 -14.50 -21.43
C PHE B 240 2.03 -13.38 -21.02
N LEU B 241 0.94 -13.19 -21.78
CA LEU B 241 -0.06 -12.17 -21.46
C LEU B 241 -1.31 -12.80 -20.93
N GLY B 242 -2.16 -11.97 -20.36
CA GLY B 242 -3.46 -12.42 -19.87
C GLY B 242 -4.47 -11.31 -19.95
N PHE B 243 -5.76 -11.66 -20.09
CA PHE B 243 -6.86 -10.70 -19.99
C PHE B 243 -7.80 -11.00 -18.80
N ASP B 244 -8.44 -9.94 -18.30
CA ASP B 244 -9.73 -10.01 -17.61
C ASP B 244 -10.62 -9.12 -18.45
N CYS B 245 -11.41 -9.75 -19.32
CA CYS B 245 -12.33 -9.03 -20.21
C CYS B 245 -13.49 -8.41 -19.44
N ALA B 246 -13.91 -9.08 -18.36
CA ALA B 246 -15.11 -8.70 -17.62
C ALA B 246 -16.25 -8.41 -18.62
N SER B 247 -16.50 -9.39 -19.48
CA SER B 247 -17.45 -9.26 -20.59
C SER B 247 -18.91 -8.98 -20.13
N SER B 248 -19.25 -9.42 -18.92
CA SER B 248 -20.52 -9.06 -18.28
C SER B 248 -20.79 -7.56 -18.32
N GLU B 249 -19.73 -6.76 -18.29
CA GLU B 249 -19.86 -5.29 -18.32
C GLU B 249 -20.39 -4.70 -19.64
N PHE B 250 -20.01 -5.28 -20.78
CA PHE B 250 -20.46 -4.76 -22.07
C PHE B 250 -21.44 -5.67 -22.80
N TYR B 251 -21.94 -6.68 -22.11
CA TYR B 251 -22.95 -7.58 -22.63
C TYR B 251 -24.36 -7.06 -22.33
N GLU B 252 -25.11 -6.72 -23.37
CA GLU B 252 -26.53 -6.40 -23.23
C GLU B 252 -27.31 -7.24 -24.24
N ASN B 253 -28.55 -7.59 -23.89
CA ASN B 253 -29.51 -8.27 -24.79
C ASN B 253 -28.88 -9.27 -25.78
N GLY B 254 -28.27 -10.33 -25.27
CA GLY B 254 -27.74 -11.39 -26.13
C GLY B 254 -26.52 -11.01 -26.98
N VAL B 255 -26.00 -9.80 -26.80
CA VAL B 255 -24.90 -9.29 -27.65
C VAL B 255 -23.75 -8.68 -26.81
N TYR B 256 -22.52 -8.95 -27.24
CA TYR B 256 -21.32 -8.35 -26.66
C TYR B 256 -21.03 -7.03 -27.36
N ASP B 257 -21.46 -5.95 -26.72
CA ASP B 257 -21.48 -4.62 -27.31
C ASP B 257 -20.23 -3.80 -26.97
N TYR B 258 -19.18 -4.02 -27.75
CA TYR B 258 -17.89 -3.30 -27.60
C TYR B 258 -18.06 -1.79 -27.74
N SER B 259 -19.13 -1.38 -28.41
CA SER B 259 -19.51 0.02 -28.52
C SER B 259 -19.77 0.68 -27.16
N LYS B 260 -19.92 -0.13 -26.11
CA LYS B 260 -20.06 0.41 -24.77
C LYS B 260 -18.79 1.17 -24.37
N PHE B 261 -17.63 0.63 -24.73
CA PHE B 261 -16.36 1.22 -24.34
C PHE B 261 -15.46 1.62 -25.50
N GLU B 262 -15.65 1.01 -26.67
CA GLU B 262 -14.68 1.05 -27.77
C GLU B 262 -15.08 2.01 -28.91
N GLY B 263 -15.83 3.06 -28.58
CA GLY B 263 -16.21 4.08 -29.54
C GLY B 263 -17.64 3.97 -30.03
N GLU B 264 -17.88 4.43 -31.25
CA GLU B 264 -19.22 4.40 -31.86
C GLU B 264 -19.32 3.29 -32.91
N HIS B 265 -18.18 2.83 -33.43
CA HIS B 265 -18.12 1.72 -34.38
C HIS B 265 -17.47 0.47 -33.75
N GLY B 266 -17.59 0.30 -32.44
CA GLY B 266 -17.14 -0.92 -31.79
C GLY B 266 -18.15 -2.00 -32.14
N ALA B 267 -17.67 -3.19 -32.50
CA ALA B 267 -18.55 -4.25 -32.99
C ALA B 267 -19.58 -4.65 -31.95
N LYS B 268 -20.82 -4.82 -32.39
CA LYS B 268 -21.82 -5.51 -31.57
C LYS B 268 -21.57 -6.97 -31.94
N ARG B 269 -21.38 -7.86 -30.96
CA ARG B 269 -20.96 -9.23 -31.28
C ARG B 269 -21.87 -10.29 -30.68
N THR B 270 -22.16 -11.33 -31.46
CA THR B 270 -22.93 -12.47 -30.98
C THR B 270 -22.01 -13.39 -30.18
N ALA B 271 -22.60 -14.35 -29.49
CA ALA B 271 -21.81 -15.33 -28.74
C ALA B 271 -20.74 -15.99 -29.62
N ALA B 272 -21.11 -16.41 -30.84
CA ALA B 272 -20.18 -17.05 -31.77
C ALA B 272 -19.08 -16.09 -32.23
N GLU B 273 -19.40 -14.81 -32.35
CA GLU B 273 -18.45 -13.80 -32.82
C GLU B 273 -17.46 -13.41 -31.71
N GLN B 274 -17.89 -13.51 -30.45
CA GLN B 274 -16.98 -13.35 -29.30
C GLN B 274 -15.92 -14.42 -29.30
N VAL B 275 -16.37 -15.66 -29.38
CA VAL B 275 -15.45 -16.77 -29.43
C VAL B 275 -14.44 -16.57 -30.57
N ASP B 276 -14.92 -16.16 -31.75
CA ASP B 276 -14.05 -15.97 -32.90
C ASP B 276 -12.98 -14.93 -32.56
N TYR B 277 -13.43 -13.77 -32.08
CA TYR B 277 -12.52 -12.71 -31.69
C TYR B 277 -11.50 -13.18 -30.66
N LEU B 278 -11.96 -13.86 -29.62
CA LEU B 278 -11.03 -14.31 -28.57
C LEU B 278 -10.02 -15.27 -29.17
N GLU B 279 -10.48 -16.20 -30.00
CA GLU B 279 -9.56 -17.12 -30.68
C GLU B 279 -8.58 -16.35 -31.57
N GLN B 280 -9.06 -15.32 -32.25
CA GLN B 280 -8.20 -14.45 -33.08
C GLN B 280 -7.04 -13.87 -32.27
N LEU B 281 -7.40 -13.24 -31.15
CA LEU B 281 -6.41 -12.65 -30.22
C LEU B 281 -5.41 -13.68 -29.74
N VAL B 282 -5.91 -14.87 -29.40
CA VAL B 282 -5.07 -15.90 -28.85
C VAL B 282 -4.11 -16.39 -29.92
N ASP B 283 -4.59 -16.44 -31.15
CA ASP B 283 -3.76 -16.87 -32.26
C ASP B 283 -2.74 -15.80 -32.64
N LYS B 284 -3.10 -14.53 -32.44
CA LYS B 284 -2.23 -13.42 -32.83
C LYS B 284 -1.31 -12.91 -31.72
N TYR B 285 -1.41 -13.43 -30.50
CA TYR B 285 -0.61 -12.93 -29.38
C TYR B 285 -0.38 -14.04 -28.38
N PRO B 286 0.71 -13.94 -27.59
CA PRO B 286 1.04 -14.98 -26.62
C PRO B 286 0.20 -14.84 -25.35
N ILE B 287 -1.08 -15.19 -25.46
CA ILE B 287 -2.03 -15.07 -24.37
C ILE B 287 -2.28 -16.43 -23.76
N ILE B 288 -2.05 -16.54 -22.45
CA ILE B 288 -2.21 -17.83 -21.78
C ILE B 288 -3.44 -17.89 -20.88
N THR B 289 -4.08 -16.76 -20.62
CA THR B 289 -5.24 -16.80 -19.75
C THR B 289 -6.25 -15.73 -20.08
N ILE B 290 -7.53 -16.09 -20.02
CA ILE B 290 -8.64 -15.16 -20.20
C ILE B 290 -9.61 -15.35 -19.05
N GLU B 291 -9.87 -14.27 -18.34
CA GLU B 291 -10.85 -14.27 -17.25
C GLU B 291 -12.11 -13.65 -17.80
N ASP B 292 -13.25 -14.26 -17.46
CA ASP B 292 -14.55 -13.82 -17.88
C ASP B 292 -14.61 -13.36 -19.34
N GLY B 293 -14.14 -14.20 -20.23
CA GLY B 293 -14.19 -13.92 -21.65
C GLY B 293 -15.61 -13.91 -22.20
N MET B 294 -16.53 -14.53 -21.46
CA MET B 294 -17.94 -14.53 -21.77
C MET B 294 -18.73 -14.09 -20.54
N ASP B 295 -19.95 -13.63 -20.78
CA ASP B 295 -20.88 -13.14 -19.77
C ASP B 295 -21.17 -14.19 -18.73
N GLU B 296 -21.36 -13.71 -17.50
CA GLU B 296 -21.64 -14.54 -16.33
C GLU B 296 -22.82 -15.49 -16.49
N ASN B 297 -23.75 -15.14 -17.38
CA ASN B 297 -24.95 -15.97 -17.63
C ASN B 297 -25.01 -16.60 -19.02
N ASP B 298 -23.99 -16.37 -19.83
CA ASP B 298 -23.94 -16.95 -21.16
C ASP B 298 -23.26 -18.31 -21.10
N TRP B 299 -23.94 -19.28 -20.50
CA TRP B 299 -23.35 -20.61 -20.32
C TRP B 299 -23.07 -21.31 -21.63
N ASP B 300 -23.97 -21.14 -22.61
CA ASP B 300 -23.74 -21.69 -23.95
C ASP B 300 -22.44 -21.15 -24.54
N GLY B 301 -22.24 -19.84 -24.45
CA GLY B 301 -21.01 -19.20 -24.94
C GLY B 301 -19.76 -19.71 -24.26
N TRP B 302 -19.79 -19.80 -22.92
CA TRP B 302 -18.68 -20.40 -22.18
C TRP B 302 -18.36 -21.80 -22.67
N LYS B 303 -19.39 -22.60 -22.94
CA LYS B 303 -19.18 -23.95 -23.46
C LYS B 303 -18.40 -23.84 -24.75
N GLN B 304 -18.87 -22.97 -25.62
CA GLN B 304 -18.31 -22.81 -26.95
C GLN B 304 -16.84 -22.42 -26.85
N LEU B 305 -16.56 -21.44 -25.99
CA LEU B 305 -15.21 -20.91 -25.84
C LEU B 305 -14.22 -21.94 -25.27
N THR B 306 -14.69 -22.73 -24.32
CA THR B 306 -13.91 -23.81 -23.73
C THR B 306 -13.62 -24.94 -24.70
N GLU B 307 -14.61 -25.27 -25.52
CA GLU B 307 -14.39 -26.28 -26.57
C GLU B 307 -13.34 -25.75 -27.54
N ARG B 308 -13.45 -24.47 -27.88
CA ARG B 308 -12.58 -23.86 -28.88
C ARG B 308 -11.10 -23.74 -28.45
N ILE B 309 -10.85 -23.04 -27.33
CA ILE B 309 -9.46 -22.76 -26.90
C ILE B 309 -9.07 -23.34 -25.53
N GLY B 310 -10.00 -23.99 -24.84
CA GLY B 310 -9.78 -24.51 -23.48
C GLY B 310 -8.60 -25.44 -23.31
N ASP B 311 -8.28 -26.19 -24.36
CA ASP B 311 -7.11 -27.08 -24.36
C ASP B 311 -5.78 -26.35 -24.18
N ARG B 312 -5.69 -25.10 -24.63
CA ARG B 312 -4.42 -24.37 -24.61
C ARG B 312 -4.45 -22.97 -24.02
N VAL B 313 -5.61 -22.53 -23.55
CA VAL B 313 -5.70 -21.25 -22.89
C VAL B 313 -6.53 -21.44 -21.63
N GLN B 314 -6.05 -20.84 -20.55
CA GLN B 314 -6.77 -20.89 -19.31
C GLN B 314 -7.95 -19.95 -19.41
N LEU B 315 -9.11 -20.45 -18.98
CA LEU B 315 -10.34 -19.68 -18.98
C LEU B 315 -10.86 -19.63 -17.56
N VAL B 316 -10.82 -18.43 -16.98
CA VAL B 316 -11.06 -18.23 -15.57
C VAL B 316 -12.45 -17.65 -15.39
N GLY B 317 -13.26 -18.30 -14.57
CA GLY B 317 -14.51 -17.72 -14.12
C GLY B 317 -14.30 -16.86 -12.88
N ASP B 318 -14.75 -15.61 -12.96
CA ASP B 318 -14.71 -14.69 -11.84
C ASP B 318 -16.19 -14.39 -11.51
N ASP B 319 -16.83 -13.49 -12.27
CA ASP B 319 -18.28 -13.28 -12.21
C ASP B 319 -19.09 -14.55 -12.49
N LEU B 320 -18.54 -15.46 -13.29
CA LEU B 320 -19.21 -16.71 -13.58
C LEU B 320 -19.46 -17.60 -12.35
N PHE B 321 -18.49 -17.70 -11.45
CA PHE B 321 -18.60 -18.63 -10.30
C PHE B 321 -18.77 -17.96 -8.95
N VAL B 322 -18.32 -16.72 -8.86
CA VAL B 322 -18.49 -15.90 -7.66
C VAL B 322 -18.09 -16.68 -6.40
N THR B 323 -17.00 -17.44 -6.50
CA THR B 323 -16.47 -18.25 -5.40
C THR B 323 -17.58 -19.00 -4.65
N ASN B 324 -18.49 -19.57 -5.43
CA ASN B 324 -19.65 -20.28 -4.92
C ASN B 324 -19.58 -21.70 -5.43
N THR B 325 -19.51 -22.67 -4.52
CA THR B 325 -19.28 -24.06 -4.93
C THR B 325 -20.47 -24.69 -5.64
N GLU B 326 -21.68 -24.25 -5.33
CA GLU B 326 -22.85 -24.75 -6.09
C GLU B 326 -22.66 -24.46 -7.59
N ILE B 327 -22.25 -23.23 -7.90
CA ILE B 327 -22.10 -22.79 -9.28
C ILE B 327 -20.85 -23.39 -9.95
N LEU B 328 -19.77 -23.48 -9.18
CA LEU B 328 -18.56 -24.16 -9.62
C LEU B 328 -18.88 -25.59 -10.03
N ALA B 329 -19.52 -26.34 -9.13
CA ALA B 329 -19.92 -27.71 -9.43
C ALA B 329 -20.62 -27.77 -10.80
N LYS B 330 -21.59 -26.88 -11.04
CA LYS B 330 -22.30 -26.85 -12.33
C LYS B 330 -21.38 -26.59 -13.53
N GLY B 331 -20.42 -25.68 -13.37
CA GLY B 331 -19.44 -25.43 -14.41
C GLY B 331 -18.65 -26.67 -14.77
N ILE B 332 -18.18 -27.37 -13.75
CA ILE B 332 -17.44 -28.60 -13.91
C ILE B 332 -18.27 -29.68 -14.59
N GLU B 333 -19.48 -29.89 -14.08
CA GLU B 333 -20.40 -30.89 -14.62
C GLU B 333 -20.69 -30.63 -16.10
N ASN B 334 -20.81 -29.36 -16.48
CA ASN B 334 -21.06 -28.97 -17.88
C ASN B 334 -19.81 -28.66 -18.71
N GLY B 335 -18.63 -28.94 -18.16
CA GLY B 335 -17.38 -28.69 -18.86
C GLY B 335 -17.13 -27.24 -19.24
N ILE B 336 -17.50 -26.29 -18.39
CA ILE B 336 -17.23 -24.89 -18.72
C ILE B 336 -16.09 -24.32 -17.91
N GLY B 337 -15.21 -23.60 -18.59
CA GLY B 337 -14.02 -23.03 -18.00
C GLY B 337 -13.01 -24.09 -17.62
N ASN B 338 -11.86 -23.64 -17.11
CA ASN B 338 -10.85 -24.55 -16.54
C ASN B 338 -10.09 -23.95 -15.35
N SER B 339 -10.66 -22.93 -14.73
CA SER B 339 -10.00 -22.20 -13.66
C SER B 339 -11.03 -21.31 -12.98
N ILE B 340 -10.82 -21.08 -11.69
CA ILE B 340 -11.72 -20.25 -10.92
C ILE B 340 -10.96 -19.24 -10.09
N LEU B 341 -11.43 -18.02 -10.11
CA LEU B 341 -10.86 -16.98 -9.28
C LEU B 341 -11.47 -17.12 -7.88
N ILE B 342 -10.64 -17.33 -6.87
CA ILE B 342 -11.11 -17.46 -5.50
C ILE B 342 -10.93 -16.12 -4.77
N LYS B 343 -12.03 -15.53 -4.35
CA LYS B 343 -12.03 -14.31 -3.57
C LYS B 343 -12.54 -14.64 -2.19
N VAL B 344 -11.62 -14.74 -1.24
CA VAL B 344 -11.96 -15.23 0.10
C VAL B 344 -13.12 -14.51 0.77
N ASN B 345 -13.24 -13.20 0.58
CA ASN B 345 -14.32 -12.46 1.23
C ASN B 345 -15.66 -12.58 0.50
N GLN B 346 -15.62 -13.07 -0.72
CA GLN B 346 -16.83 -13.35 -1.48
C GLN B 346 -17.53 -14.62 -0.98
N ILE B 347 -16.83 -15.51 -0.29
CA ILE B 347 -17.45 -16.72 0.30
C ILE B 347 -17.52 -16.62 1.83
N GLY B 348 -16.49 -16.08 2.46
CA GLY B 348 -16.64 -15.55 3.80
C GLY B 348 -15.98 -16.32 4.93
N THR B 349 -15.61 -17.58 4.70
CA THR B 349 -14.75 -18.30 5.65
C THR B 349 -13.56 -18.93 4.98
N LEU B 350 -12.55 -19.22 5.79
CA LEU B 350 -11.38 -19.97 5.33
C LEU B 350 -11.74 -21.41 4.97
N THR B 351 -12.63 -21.99 5.74
CA THR B 351 -13.08 -23.37 5.50
C THR B 351 -13.75 -23.49 4.13
N GLU B 352 -14.64 -22.58 3.81
CA GLU B 352 -15.33 -22.62 2.51
C GLU B 352 -14.40 -22.27 1.36
N THR B 353 -13.43 -21.43 1.63
CA THR B 353 -12.41 -21.08 0.66
C THR B 353 -11.60 -22.34 0.29
N PHE B 354 -11.22 -23.11 1.29
CA PHE B 354 -10.40 -24.31 1.06
C PHE B 354 -11.23 -25.40 0.39
N ASP B 355 -12.49 -25.53 0.78
CA ASP B 355 -13.41 -26.44 0.08
C ASP B 355 -13.54 -26.06 -1.39
N ALA B 356 -13.65 -24.76 -1.66
CA ALA B 356 -13.81 -24.28 -3.02
C ALA B 356 -12.57 -24.54 -3.85
N ILE B 357 -11.40 -24.33 -3.25
CA ILE B 357 -10.15 -24.63 -3.92
C ILE B 357 -9.99 -26.13 -4.16
N GLU B 358 -10.24 -26.90 -3.12
CA GLU B 358 -10.18 -28.35 -3.22
C GLU B 358 -11.12 -28.85 -4.33
N MET B 359 -12.35 -28.36 -4.37
CA MET B 359 -13.27 -28.77 -5.45
C MET B 359 -12.65 -28.49 -6.83
N ALA B 360 -12.11 -27.28 -7.00
CA ALA B 360 -11.54 -26.85 -8.26
C ALA B 360 -10.42 -27.78 -8.64
N GLN B 361 -9.51 -28.01 -7.71
CA GLN B 361 -8.31 -28.80 -8.00
C GLN B 361 -8.64 -30.23 -8.38
N LYS B 362 -9.60 -30.82 -7.66
CA LYS B 362 -10.08 -32.18 -7.91
C LYS B 362 -10.82 -32.35 -9.24
N ALA B 363 -11.21 -31.23 -9.85
CA ALA B 363 -11.86 -31.25 -11.15
C ALA B 363 -10.84 -30.98 -12.27
N GLY B 364 -9.57 -30.83 -11.91
CA GLY B 364 -8.55 -30.47 -12.89
C GLY B 364 -8.55 -28.99 -13.23
N TYR B 365 -9.20 -28.18 -12.38
CA TYR B 365 -9.19 -26.73 -12.55
C TYR B 365 -8.08 -26.16 -11.69
N THR B 366 -7.58 -24.99 -12.09
CA THR B 366 -6.71 -24.21 -11.25
C THR B 366 -7.54 -23.27 -10.41
N ALA B 367 -7.04 -22.98 -9.22
CA ALA B 367 -7.67 -22.05 -8.29
C ALA B 367 -6.73 -20.87 -8.08
N VAL B 368 -7.16 -19.72 -8.55
CA VAL B 368 -6.35 -18.51 -8.54
C VAL B 368 -6.86 -17.62 -7.43
N VAL B 369 -6.12 -17.61 -6.34
CA VAL B 369 -6.44 -16.78 -5.20
C VAL B 369 -6.29 -15.32 -5.60
N SER B 370 -7.19 -14.47 -5.12
CA SER B 370 -7.30 -13.14 -5.65
C SER B 370 -7.48 -12.04 -4.63
N HIS B 371 -6.95 -10.90 -5.01
CA HIS B 371 -7.20 -9.65 -4.32
C HIS B 371 -8.54 -9.01 -4.73
N ARG B 372 -8.85 -7.94 -4.05
CA ARG B 372 -9.99 -7.10 -4.34
C ARG B 372 -9.50 -5.67 -4.57
N SER B 373 -10.37 -4.80 -5.07
CA SER B 373 -9.93 -3.45 -5.43
C SER B 373 -9.48 -2.67 -4.17
N GLY B 374 -10.17 -2.93 -3.07
CA GLY B 374 -9.83 -2.33 -1.81
C GLY B 374 -9.08 -3.37 -1.00
N GLU B 375 -7.79 -3.17 -0.84
CA GLU B 375 -6.95 -4.12 -0.13
C GLU B 375 -6.48 -3.52 1.17
N THR B 376 -5.63 -4.29 1.86
CA THR B 376 -5.10 -3.94 3.16
C THR B 376 -3.64 -4.40 3.29
N GLU B 377 -3.03 -4.12 4.45
CA GLU B 377 -1.70 -4.61 4.76
C GLU B 377 -1.69 -6.13 5.03
N ASP B 378 -2.86 -6.75 5.08
CA ASP B 378 -2.99 -8.21 5.27
C ASP B 378 -2.44 -9.01 4.08
N THR B 379 -1.70 -10.10 4.37
CA THR B 379 -1.00 -10.91 3.36
C THR B 379 -1.42 -12.40 3.32
N THR B 380 -2.51 -12.72 3.99
CA THR B 380 -3.01 -14.08 4.09
C THR B 380 -3.17 -14.78 2.74
N ILE B 381 -3.60 -14.06 1.71
CA ILE B 381 -3.84 -14.70 0.43
C ILE B 381 -2.56 -15.27 -0.16
N ALA B 382 -1.43 -14.66 0.16
CA ALA B 382 -0.14 -15.23 -0.24
C ALA B 382 0.03 -16.63 0.36
N ASP B 383 -0.25 -16.75 1.65
CA ASP B 383 -0.08 -18.02 2.33
C ASP B 383 -1.10 -19.05 1.87
N ILE B 384 -2.30 -18.60 1.48
CA ILE B 384 -3.30 -19.54 1.00
C ILE B 384 -2.82 -20.18 -0.30
N ALA B 385 -2.26 -19.35 -1.17
CA ALA B 385 -1.77 -19.79 -2.46
C ALA B 385 -0.77 -20.90 -2.30
N VAL B 386 0.17 -20.73 -1.37
CA VAL B 386 1.20 -21.71 -1.12
C VAL B 386 0.68 -22.93 -0.35
N ALA B 387 -0.28 -22.70 0.55
CA ALA B 387 -0.80 -23.77 1.40
C ALA B 387 -1.45 -24.82 0.54
N THR B 388 -2.09 -24.37 -0.53
CA THR B 388 -2.85 -25.26 -1.42
C THR B 388 -2.08 -25.66 -2.67
N ASN B 389 -0.79 -25.32 -2.72
CA ASN B 389 0.01 -25.44 -3.93
C ASN B 389 -0.80 -25.09 -5.16
N ALA B 390 -1.49 -23.95 -5.08
CA ALA B 390 -2.38 -23.49 -6.12
C ALA B 390 -1.67 -23.33 -7.47
N GLY B 391 -0.45 -22.81 -7.44
CA GLY B 391 0.34 -22.59 -8.64
C GLY B 391 0.17 -21.20 -9.22
N GLN B 392 -0.84 -20.46 -8.75
CA GLN B 392 -1.15 -19.13 -9.26
C GLN B 392 -1.77 -18.20 -8.22
N ILE B 393 -1.59 -16.91 -8.44
CA ILE B 393 -2.17 -15.87 -7.63
C ILE B 393 -2.40 -14.63 -8.52
N LYS B 394 -3.40 -13.84 -8.18
CA LYS B 394 -3.67 -12.58 -8.86
C LYS B 394 -3.77 -11.53 -7.78
N THR B 395 -2.69 -10.82 -7.53
CA THR B 395 -2.68 -9.89 -6.43
C THR B 395 -2.15 -8.49 -6.79
N GLY B 396 -2.21 -8.15 -8.08
CA GLY B 396 -2.08 -6.76 -8.53
C GLY B 396 -0.85 -6.42 -9.36
N SER B 397 -0.65 -5.13 -9.58
CA SER B 397 0.51 -4.68 -10.35
C SER B 397 1.75 -4.54 -9.46
N LEU B 398 2.79 -3.90 -9.97
CA LEU B 398 4.03 -3.77 -9.24
C LEU B 398 4.20 -2.41 -8.60
N SER B 399 3.10 -1.93 -8.02
CA SER B 399 3.03 -0.60 -7.46
C SER B 399 1.94 -0.65 -6.38
N ARG B 400 2.13 0.11 -5.30
CA ARG B 400 1.23 0.14 -4.13
C ARG B 400 1.48 -1.04 -3.19
N THR B 401 1.72 -0.71 -1.92
CA THR B 401 2.00 -1.70 -0.90
C THR B 401 0.80 -2.62 -0.69
N ASP B 402 -0.40 -2.14 -0.92
CA ASP B 402 -1.56 -3.01 -0.94
C ASP B 402 -1.38 -4.23 -1.84
N ARG B 403 -0.56 -4.09 -2.87
CA ARG B 403 -0.23 -5.19 -3.75
C ARG B 403 1.11 -5.81 -3.38
N ILE B 404 2.11 -4.96 -3.20
CA ILE B 404 3.50 -5.38 -2.99
C ILE B 404 3.68 -6.17 -1.69
N ALA B 405 2.89 -5.85 -0.67
CA ALA B 405 2.96 -6.58 0.60
C ALA B 405 2.76 -8.08 0.40
N LYS B 406 1.87 -8.45 -0.53
CA LYS B 406 1.59 -9.85 -0.85
C LYS B 406 2.78 -10.46 -1.56
N TYR B 407 3.30 -9.71 -2.52
CA TYR B 407 4.51 -10.13 -3.21
C TYR B 407 5.64 -10.29 -2.19
N ASN B 408 5.77 -9.35 -1.26
CA ASN B 408 6.84 -9.43 -0.29
C ASN B 408 6.70 -10.66 0.60
N GLN B 409 5.46 -11.02 0.91
CA GLN B 409 5.21 -12.16 1.74
C GLN B 409 5.57 -13.45 0.99
N LEU B 410 5.27 -13.50 -0.31
CA LEU B 410 5.74 -14.63 -1.15
C LEU B 410 7.26 -14.75 -1.17
N LEU B 411 7.95 -13.62 -1.18
CA LEU B 411 9.42 -13.60 -1.06
C LEU B 411 9.91 -14.20 0.25
N ARG B 412 9.26 -13.85 1.35
CA ARG B 412 9.59 -14.42 2.66
C ARG B 412 9.30 -15.93 2.72
N ILE B 413 8.17 -16.31 2.12
CA ILE B 413 7.80 -17.71 2.07
C ILE B 413 8.87 -18.50 1.28
N GLU B 414 9.19 -18.04 0.09
CA GLU B 414 10.20 -18.72 -0.71
C GLU B 414 11.55 -18.78 0.00
N ASP B 415 11.96 -17.67 0.59
CA ASP B 415 13.20 -17.61 1.37
C ASP B 415 13.21 -18.65 2.51
N GLU B 416 12.14 -18.65 3.29
CA GLU B 416 11.95 -19.61 4.37
C GLU B 416 11.99 -21.06 3.92
N LEU B 417 11.37 -21.34 2.78
CA LEU B 417 11.29 -22.70 2.24
C LEU B 417 12.63 -23.19 1.76
N PHE B 418 13.46 -22.24 1.35
CA PHE B 418 14.83 -22.49 0.98
C PHE B 418 14.86 -23.53 -0.16
N GLU B 419 15.58 -24.64 0.00
CA GLU B 419 15.71 -25.66 -1.06
C GLU B 419 14.45 -26.54 -1.25
N THR B 420 13.45 -26.42 -0.37
CA THR B 420 12.20 -27.15 -0.55
C THR B 420 11.21 -26.38 -1.42
N ALA B 421 11.49 -25.11 -1.67
CA ALA B 421 10.60 -24.25 -2.42
C ALA B 421 10.47 -24.70 -3.86
N LYS B 422 9.27 -24.59 -4.42
CA LYS B 422 9.06 -24.96 -5.80
C LYS B 422 8.40 -23.81 -6.58
N TYR B 423 8.91 -23.54 -7.78
CA TYR B 423 8.25 -22.65 -8.74
C TYR B 423 8.14 -23.40 -10.08
N ASP B 424 6.91 -23.75 -10.47
CA ASP B 424 6.69 -24.69 -11.59
C ASP B 424 6.78 -24.04 -12.96
N GLY B 425 6.59 -22.73 -13.01
CA GLY B 425 6.54 -22.02 -14.26
C GLY B 425 5.34 -22.44 -15.06
N ILE B 426 5.57 -22.82 -16.32
CA ILE B 426 4.47 -23.13 -17.23
C ILE B 426 3.76 -24.42 -16.79
N LYS B 427 4.48 -25.28 -16.09
CA LYS B 427 3.88 -26.50 -15.53
C LYS B 427 2.86 -26.24 -14.40
N SER B 428 2.74 -24.99 -13.94
CA SER B 428 1.67 -24.63 -13.02
C SER B 428 0.28 -24.78 -13.65
N PHE B 429 0.23 -24.75 -14.99
CA PHE B 429 -1.01 -24.87 -15.74
C PHE B 429 -1.33 -26.32 -16.04
N TYR B 430 -1.52 -27.08 -14.97
CA TYR B 430 -1.91 -28.48 -15.04
C TYR B 430 -3.29 -28.66 -15.63
N ASN B 431 -4.09 -27.60 -15.64
CA ASN B 431 -5.41 -27.62 -16.28
C ASN B 431 -5.34 -27.64 -17.81
N LEU B 432 -4.18 -27.30 -18.38
CA LEU B 432 -4.06 -27.14 -19.82
C LEU B 432 -3.49 -28.38 -20.48
N ASP B 433 -4.26 -28.94 -21.40
CA ASP B 433 -3.83 -30.10 -22.19
C ASP B 433 -2.59 -29.84 -23.09
N LYS B 434 -2.18 -28.57 -23.22
CA LYS B 434 -1.00 -28.17 -24.04
C LYS B 434 0.13 -27.41 -23.28
MG MG C . 9.39 18.14 0.78
S SO4 D . 11.18 11.52 -1.39
O1 SO4 D . 11.89 12.52 -0.58
O2 SO4 D . 12.13 10.74 -2.23
O3 SO4 D . 10.48 10.55 -0.53
O4 SO4 D . 10.21 12.27 -2.21
S SO4 E . -16.07 9.12 14.72
O1 SO4 E . -15.63 8.36 15.91
O2 SO4 E . -15.26 8.79 13.50
O3 SO4 E . -15.96 10.57 14.99
O4 SO4 E . -17.48 8.76 14.44
S SO4 F . 10.00 4.78 -10.42
O1 SO4 F . 10.97 5.90 -10.57
O2 SO4 F . 10.19 3.77 -11.50
O3 SO4 F . 10.17 4.16 -9.11
O4 SO4 F . 8.63 5.33 -10.45
S SO4 G . -13.82 5.26 -3.99
O1 SO4 G . -12.82 5.98 -4.80
O2 SO4 G . -13.14 4.17 -3.28
O3 SO4 G . -14.42 6.20 -3.00
O4 SO4 G . -14.92 4.74 -4.84
S SO4 H . 17.17 -12.99 -9.04
O1 SO4 H . 18.58 -12.53 -8.95
O2 SO4 H . 16.81 -13.39 -10.42
O3 SO4 H . 17.02 -14.22 -8.21
O4 SO4 H . 16.28 -11.88 -8.62
MG MG I . -12.49 -10.07 -12.69
S SO4 J . -13.41 -5.87 -7.13
O1 SO4 J . -13.01 -5.62 -5.73
O2 SO4 J . -12.39 -6.70 -7.85
O3 SO4 J . -13.56 -4.52 -7.69
O4 SO4 J . -14.70 -6.59 -7.19
#